data_4U4M
#
_entry.id   4U4M
#
_cell.length_a   141.400
_cell.length_b   155.640
_cell.length_c   55.920
_cell.angle_alpha   90.00
_cell.angle_beta   90.00
_cell.angle_gamma   90.00
#
_symmetry.space_group_name_H-M   'P 21 21 2'
#
loop_
_entity.id
_entity.type
_entity.pdbx_description
1 polymer YagE
2 non-polymer UREA
3 non-polymer 'PYRUVIC ACID'
4 non-polymer 1,2-ETHANEDIOL
5 water water
#
_entity_poly.entity_id   1
_entity_poly.type   'polypeptide(L)'
_entity_poly.pdbx_seq_one_letter_code
;ALFTGIIPPVSTIFTADGQLDKPGTAALIDDLIKAGVDGLFFLGSGGEFSQLGAEERKAIARFAIDHVDRRVPVLIGTGG
TNARETIELSQHAQQAGADGIVVINPYYWKVSEANLIRYFEQVADSVTLPVMLYNFPALTGQDLTPALVKTLADSRSNII
GIKDTIDSVAHLRSMIHTVKGAHPHFTVLCGYDDHLFNTLLLGGDGAISASGNFAPQVSVNLLKAWRDGDVAKAAGYHQT
LLQIPQMYQLDTPFVNVIKEAIVLCGRPVSTHVLPPASPLDEPRKAQLKTLLQQLKLC
;
_entity_poly.pdbx_strand_id   A,B,C,D
#
loop_
_chem_comp.id
_chem_comp.type
_chem_comp.name
_chem_comp.formula
EDO non-polymer 1,2-ETHANEDIOL 'C2 H6 O2'
PYR non-polymer 'PYRUVIC ACID' 'C3 H4 O3'
URE non-polymer UREA 'C H4 N2 O'
#
# COMPACT_ATOMS: atom_id res chain seq x y z
N ALA A 1 -33.04 -3.84 -15.27
CA ALA A 1 -31.60 -3.43 -15.11
C ALA A 1 -31.15 -2.43 -16.18
N LEU A 2 -30.65 -1.29 -15.74
CA LEU A 2 -30.31 -0.18 -16.64
C LEU A 2 -28.82 -0.19 -16.98
N PHE A 3 -28.48 0.17 -18.22
CA PHE A 3 -27.08 0.36 -18.66
C PHE A 3 -26.26 -0.90 -18.63
N THR A 4 -26.84 -1.99 -19.13
CA THR A 4 -26.13 -3.27 -19.22
C THR A 4 -25.41 -3.32 -20.56
N GLY A 5 -24.61 -4.36 -20.75
CA GLY A 5 -23.94 -4.63 -22.02
C GLY A 5 -22.63 -3.88 -22.23
N ILE A 6 -22.34 -3.56 -23.49
CA ILE A 6 -21.09 -2.90 -23.88
C ILE A 6 -21.26 -1.39 -24.06
N ILE A 7 -20.76 -0.62 -23.08
CA ILE A 7 -20.89 0.85 -23.09
C ILE A 7 -19.50 1.48 -23.01
N PRO A 8 -18.90 1.83 -24.17
CA PRO A 8 -17.55 2.36 -24.18
C PRO A 8 -17.38 3.70 -23.48
N PRO A 9 -16.22 3.89 -22.82
CA PRO A 9 -15.84 5.16 -22.30
C PRO A 9 -15.25 5.92 -23.48
N VAL A 10 -16.12 6.62 -24.17
CA VAL A 10 -15.77 7.27 -25.42
C VAL A 10 -14.66 8.30 -25.21
N SER A 11 -13.71 8.28 -26.14
CA SER A 11 -12.61 9.25 -26.19
C SER A 11 -13.10 10.61 -26.68
N THR A 12 -12.68 11.68 -26.01
CA THR A 12 -13.03 13.01 -26.45
C THR A 12 -11.98 13.42 -27.44
N ILE A 13 -12.38 13.70 -28.69
CA ILE A 13 -11.42 14.12 -29.70
C ILE A 13 -11.20 15.63 -29.64
N PHE A 14 -9.93 16.03 -29.63
CA PHE A 14 -9.55 17.43 -29.57
C PHE A 14 -8.74 17.83 -30.78
N THR A 15 -8.78 19.14 -31.08
CA THR A 15 -7.96 19.74 -32.14
C THR A 15 -6.56 20.03 -31.58
N ALA A 16 -5.66 20.56 -32.39
CA ALA A 16 -4.31 20.84 -31.89
C ALA A 16 -4.27 21.85 -30.75
N ASP A 17 -5.14 22.86 -30.81
CA ASP A 17 -5.09 23.93 -29.80
C ASP A 17 -5.96 23.56 -28.62
N GLY A 18 -6.54 22.36 -28.62
CA GLY A 18 -7.19 21.83 -27.44
C GLY A 18 -8.69 21.99 -27.33
N GLN A 19 -9.36 22.32 -28.43
CA GLN A 19 -10.80 22.51 -28.40
C GLN A 19 -11.46 21.18 -28.77
N LEU A 20 -12.76 21.10 -28.51
CA LEU A 20 -13.53 19.96 -29.00
C LEU A 20 -13.52 19.82 -30.54
N ASP A 21 -13.06 18.68 -31.03
CA ASP A 21 -13.06 18.35 -32.46
C ASP A 21 -14.38 17.69 -32.82
N LYS A 22 -15.37 18.49 -33.17
CA LYS A 22 -16.75 18.00 -33.36
C LYS A 22 -16.91 17.01 -34.52
N PRO A 23 -16.42 17.35 -35.72
CA PRO A 23 -16.42 16.36 -36.82
C PRO A 23 -15.85 15.03 -36.40
N GLY A 24 -14.70 15.06 -35.72
CA GLY A 24 -13.98 13.84 -35.29
C GLY A 24 -14.66 13.05 -34.18
N THR A 25 -15.06 13.74 -33.11
CA THR A 25 -15.75 13.02 -32.02
C THR A 25 -17.12 12.47 -32.49
N ALA A 26 -17.74 13.15 -33.46
CA ALA A 26 -19.01 12.69 -34.04
C ALA A 26 -18.80 11.43 -34.88
N ALA A 27 -17.74 11.45 -35.67
CA ALA A 27 -17.33 10.31 -36.47
C ALA A 27 -17.14 9.09 -35.58
N LEU A 28 -16.54 9.33 -34.42
CA LEU A 28 -16.22 8.25 -33.49
C LEU A 28 -17.47 7.66 -32.89
N ILE A 29 -18.34 8.54 -32.40
CA ILE A 29 -19.65 8.13 -31.90
C ILE A 29 -20.37 7.25 -32.91
N ASP A 30 -20.33 7.67 -34.17
CA ASP A 30 -21.09 7.00 -35.23
C ASP A 30 -20.57 5.59 -35.49
N ASP A 31 -19.24 5.42 -35.53
CA ASP A 31 -18.62 4.09 -35.68
C ASP A 31 -19.14 3.16 -34.57
N LEU A 32 -19.07 3.66 -33.35
CA LEU A 32 -19.37 2.88 -32.15
C LEU A 32 -20.81 2.46 -32.10
N ILE A 33 -21.71 3.38 -32.48
CA ILE A 33 -23.14 3.03 -32.57
C ILE A 33 -23.35 1.96 -33.62
N LYS A 34 -22.74 2.19 -34.79
CA LYS A 34 -22.77 1.28 -35.93
C LYS A 34 -22.27 -0.10 -35.54
N ALA A 35 -21.37 -0.15 -34.56
CA ALA A 35 -20.75 -1.41 -34.14
C ALA A 35 -21.65 -2.26 -33.23
N GLY A 36 -22.75 -1.70 -32.76
CA GLY A 36 -23.72 -2.45 -31.96
C GLY A 36 -23.63 -2.28 -30.45
N VAL A 37 -23.03 -1.18 -30.02
CA VAL A 37 -22.85 -0.97 -28.58
C VAL A 37 -24.18 -0.63 -27.94
N ASP A 38 -24.25 -0.87 -26.64
CA ASP A 38 -25.51 -0.78 -25.89
C ASP A 38 -25.71 0.56 -25.18
N GLY A 39 -24.71 1.44 -25.30
CA GLY A 39 -24.74 2.78 -24.75
C GLY A 39 -23.42 3.49 -25.00
N LEU A 40 -23.31 4.74 -24.55
CA LEU A 40 -22.02 5.47 -24.58
C LEU A 40 -21.82 6.30 -23.33
N PHE A 41 -20.57 6.28 -22.85
CA PHE A 41 -20.18 7.00 -21.64
C PHE A 41 -19.14 8.06 -22.01
N PHE A 42 -19.57 9.32 -21.94
CA PHE A 42 -18.72 10.47 -22.23
C PHE A 42 -18.19 11.08 -20.94
N LEU A 43 -16.96 11.59 -21.00
CA LEU A 43 -16.31 12.25 -19.88
C LEU A 43 -16.06 11.32 -18.71
N GLY A 44 -15.61 10.11 -19.04
CA GLY A 44 -15.00 9.21 -18.06
C GLY A 44 -13.52 9.52 -17.95
N SER A 45 -12.74 8.59 -17.40
CA SER A 45 -11.30 8.80 -17.34
C SER A 45 -10.74 8.94 -18.74
N GLY A 46 -11.05 7.99 -19.63
CA GLY A 46 -10.57 8.00 -21.02
C GLY A 46 -11.11 9.14 -21.86
N GLY A 47 -12.20 9.73 -21.40
CA GLY A 47 -12.71 10.99 -21.94
C GLY A 47 -11.94 12.24 -21.46
N GLU A 48 -11.08 12.06 -20.44
CA GLU A 48 -10.19 13.12 -19.91
C GLU A 48 -10.94 14.16 -19.09
N PHE A 49 -11.95 13.75 -18.34
CA PHE A 49 -12.74 14.68 -17.53
C PHE A 49 -11.84 15.48 -16.58
N SER A 50 -10.83 14.82 -16.02
CA SER A 50 -9.94 15.47 -15.03
C SER A 50 -8.95 16.51 -15.60
N GLN A 51 -8.96 16.69 -16.92
CA GLN A 51 -8.15 17.73 -17.55
C GLN A 51 -8.98 18.82 -18.22
N LEU A 52 -10.28 18.81 -17.95
CA LEU A 52 -11.20 19.77 -18.53
C LEU A 52 -11.86 20.59 -17.46
N GLY A 53 -12.12 21.86 -17.77
CA GLY A 53 -12.83 22.72 -16.85
C GLY A 53 -14.33 22.45 -16.94
N ALA A 54 -15.03 22.89 -15.91
CA ALA A 54 -16.49 22.76 -15.81
C ALA A 54 -17.22 23.10 -17.11
N GLU A 55 -16.96 24.30 -17.62
CA GLU A 55 -17.65 24.81 -18.82
C GLU A 55 -17.38 23.97 -20.08
N GLU A 56 -16.13 23.56 -20.23
CA GLU A 56 -15.73 22.67 -21.32
C GLU A 56 -16.50 21.36 -21.26
N ARG A 57 -16.58 20.79 -20.06
CA ARG A 57 -17.26 19.51 -19.85
C ARG A 57 -18.74 19.61 -20.11
N LYS A 58 -19.33 20.76 -19.78
CA LYS A 58 -20.71 21.03 -20.14
C LYS A 58 -20.90 20.96 -21.66
N ALA A 59 -20.00 21.64 -22.36
CA ALA A 59 -20.05 21.79 -23.81
C ALA A 59 -19.89 20.47 -24.57
N ILE A 60 -19.01 19.63 -24.05
CA ILE A 60 -18.75 18.29 -24.61
C ILE A 60 -19.95 17.38 -24.40
N ALA A 61 -20.55 17.50 -23.23
CA ALA A 61 -21.66 16.64 -22.89
C ALA A 61 -22.86 16.90 -23.81
N ARG A 62 -23.24 18.16 -23.97
CA ARG A 62 -24.42 18.49 -24.77
C ARG A 62 -24.19 18.11 -26.23
N PHE A 63 -22.99 18.44 -26.72
CA PHE A 63 -22.66 18.10 -28.09
C PHE A 63 -22.86 16.60 -28.28
N ALA A 64 -22.20 15.83 -27.42
CA ALA A 64 -22.29 14.36 -27.43
C ALA A 64 -23.72 13.86 -27.36
N ILE A 65 -24.49 14.38 -26.41
CA ILE A 65 -25.88 13.96 -26.22
C ILE A 65 -26.65 14.24 -27.50
N ASP A 66 -26.54 15.47 -27.98
CA ASP A 66 -27.22 15.89 -29.19
C ASP A 66 -26.83 15.02 -30.38
N HIS A 67 -25.55 14.77 -30.59
CA HIS A 67 -25.13 14.01 -31.76
C HIS A 67 -25.62 12.57 -31.71
N VAL A 68 -25.70 12.00 -30.52
CA VAL A 68 -26.23 10.63 -30.36
C VAL A 68 -27.71 10.59 -30.72
N ASP A 69 -28.39 11.68 -30.40
CA ASP A 69 -29.79 11.85 -30.75
C ASP A 69 -30.61 10.63 -30.38
N ARG A 70 -30.34 10.08 -29.19
CA ARG A 70 -31.20 9.09 -28.56
C ARG A 70 -31.13 7.72 -29.18
N ARG A 71 -30.24 7.56 -30.16
CA ARG A 71 -30.03 6.25 -30.82
C ARG A 71 -29.65 5.12 -29.85
N VAL A 72 -28.82 5.44 -28.87
CA VAL A 72 -28.51 4.54 -27.74
C VAL A 72 -28.57 5.36 -26.45
N PRO A 73 -28.55 4.68 -25.29
CA PRO A 73 -28.42 5.41 -24.02
C PRO A 73 -27.04 6.14 -23.86
N VAL A 74 -27.11 7.33 -23.27
CA VAL A 74 -25.92 8.14 -23.05
C VAL A 74 -25.71 8.41 -21.56
N LEU A 75 -24.48 8.16 -21.10
CA LEU A 75 -24.06 8.44 -19.72
C LEU A 75 -23.03 9.58 -19.68
N ILE A 76 -23.17 10.47 -18.73
CA ILE A 76 -22.22 11.56 -18.61
C ILE A 76 -21.52 11.45 -17.26
N GLY A 77 -20.21 11.44 -17.32
CA GLY A 77 -19.38 11.43 -16.13
C GLY A 77 -19.23 12.84 -15.58
N THR A 78 -19.74 13.04 -14.39
CA THR A 78 -19.86 14.37 -13.80
C THR A 78 -19.03 14.56 -12.55
N GLY A 79 -18.23 13.54 -12.23
CA GLY A 79 -17.50 13.52 -10.98
C GLY A 79 -16.33 14.47 -10.91
N GLY A 80 -15.73 14.53 -9.73
CA GLY A 80 -14.53 15.33 -9.48
C GLY A 80 -14.39 15.45 -7.97
N THR A 81 -13.60 16.43 -7.54
CA THR A 81 -13.34 16.70 -6.09
C THR A 81 -14.23 17.81 -5.51
N ASN A 82 -14.70 18.67 -6.41
CA ASN A 82 -15.56 19.80 -6.10
C ASN A 82 -17.05 19.44 -6.10
N ALA A 83 -17.59 19.08 -4.93
CA ALA A 83 -18.96 18.56 -4.83
C ALA A 83 -20.02 19.46 -5.46
N ARG A 84 -19.92 20.76 -5.20
CA ARG A 84 -20.89 21.70 -5.77
C ARG A 84 -20.87 21.69 -7.28
N GLU A 85 -19.67 21.55 -7.83
CA GLU A 85 -19.50 21.41 -9.28
C GLU A 85 -20.06 20.10 -9.82
N THR A 86 -19.99 19.06 -9.00
CA THR A 86 -20.51 17.76 -9.36
C THR A 86 -22.04 17.84 -9.51
N ILE A 87 -22.67 18.67 -8.69
CA ILE A 87 -24.10 18.89 -8.80
C ILE A 87 -24.44 19.76 -10.02
N GLU A 88 -23.68 20.83 -10.24
CA GLU A 88 -23.90 21.68 -11.42
C GLU A 88 -23.91 20.81 -12.67
N LEU A 89 -22.82 20.06 -12.85
CA LEU A 89 -22.65 19.23 -14.03
C LEU A 89 -23.67 18.10 -14.16
N SER A 90 -23.98 17.44 -13.05
CA SER A 90 -24.98 16.37 -13.03
C SER A 90 -26.38 16.87 -13.42
N GLN A 91 -26.74 18.04 -12.91
CA GLN A 91 -28.01 18.70 -13.22
C GLN A 91 -28.04 19.17 -14.65
N HIS A 92 -26.94 19.77 -15.09
CA HIS A 92 -26.77 20.18 -16.49
C HIS A 92 -26.91 18.97 -17.43
N ALA A 93 -26.37 17.83 -17.00
CA ALA A 93 -26.44 16.62 -17.81
C ALA A 93 -27.89 16.19 -18.03
N GLN A 94 -28.70 16.32 -16.99
CA GLN A 94 -30.11 16.00 -17.07
C GLN A 94 -30.80 16.97 -18.00
N GLN A 95 -30.60 18.28 -17.76
CA GLN A 95 -31.28 19.26 -18.62
C GLN A 95 -30.83 19.11 -20.08
N ALA A 96 -29.56 18.77 -20.28
CA ALA A 96 -29.06 18.54 -21.64
C ALA A 96 -29.58 17.23 -22.32
N GLY A 97 -30.27 16.37 -21.58
CA GLY A 97 -30.89 15.18 -22.16
C GLY A 97 -30.19 13.87 -21.96
N ALA A 98 -29.31 13.79 -20.98
CA ALA A 98 -28.57 12.56 -20.75
C ALA A 98 -29.45 11.53 -20.05
N ASP A 99 -29.13 10.27 -20.26
CA ASP A 99 -29.91 9.16 -19.72
C ASP A 99 -29.51 8.75 -18.31
N GLY A 100 -28.31 9.12 -17.92
CA GLY A 100 -27.85 8.94 -16.56
C GLY A 100 -26.48 9.54 -16.36
N ILE A 101 -25.99 9.51 -15.13
CA ILE A 101 -24.69 10.07 -14.83
C ILE A 101 -23.80 9.04 -14.18
N VAL A 102 -22.49 9.28 -14.28
CA VAL A 102 -21.46 8.40 -13.70
C VAL A 102 -20.60 9.18 -12.73
N VAL A 103 -20.60 8.78 -11.47
CA VAL A 103 -20.00 9.58 -10.40
C VAL A 103 -18.93 8.80 -9.62
N ILE A 104 -17.68 9.23 -9.82
CA ILE A 104 -16.55 8.70 -9.06
C ILE A 104 -16.47 9.36 -7.69
N ASN A 105 -15.88 8.62 -6.76
CA ASN A 105 -15.69 9.14 -5.40
C ASN A 105 -14.61 10.23 -5.41
N PRO A 106 -14.78 11.26 -4.57
CA PRO A 106 -13.80 12.34 -4.53
C PRO A 106 -12.46 11.75 -4.23
N TYR A 107 -11.48 12.15 -5.04
CA TYR A 107 -10.21 11.45 -5.16
C TYR A 107 -9.01 12.23 -4.65
N TYR A 108 -9.18 13.52 -4.30
CA TYR A 108 -8.10 14.23 -3.59
C TYR A 108 -8.11 13.78 -2.11
N TRP A 109 -8.95 14.38 -1.28
CA TRP A 109 -9.14 13.92 0.09
C TRP A 109 -9.87 12.60 0.05
N LYS A 110 -9.37 11.62 0.81
CA LYS A 110 -10.12 10.38 1.02
C LYS A 110 -11.04 10.66 2.20
N VAL A 111 -12.29 10.85 1.86
CA VAL A 111 -13.25 11.51 2.71
C VAL A 111 -13.81 10.47 3.69
N SER A 112 -14.21 10.92 4.88
CA SER A 112 -14.79 10.01 5.89
C SER A 112 -15.96 9.22 5.33
N GLU A 113 -16.23 8.06 5.92
CA GLU A 113 -17.32 7.23 5.42
C GLU A 113 -18.64 8.02 5.45
N ALA A 114 -18.93 8.64 6.61
CA ALA A 114 -20.15 9.48 6.75
C ALA A 114 -20.25 10.54 5.67
N ASN A 115 -19.13 11.23 5.44
CA ASN A 115 -19.07 12.26 4.42
C ASN A 115 -19.27 11.70 3.03
N LEU A 116 -18.72 10.50 2.81
CA LEU A 116 -18.75 9.86 1.49
C LEU A 116 -20.17 9.44 1.13
N ILE A 117 -20.86 8.84 2.09
CA ILE A 117 -22.25 8.48 1.89
C ILE A 117 -23.11 9.72 1.69
N ARG A 118 -22.87 10.75 2.49
CA ARG A 118 -23.60 12.00 2.37
C ARG A 118 -23.34 12.64 1.00
N TYR A 119 -22.13 12.53 0.49
CA TYR A 119 -21.83 13.11 -0.83
C TYR A 119 -22.70 12.45 -1.88
N PHE A 120 -22.56 11.13 -1.98
CA PHE A 120 -23.29 10.35 -2.96
C PHE A 120 -24.79 10.50 -2.85
N GLU A 121 -25.29 10.57 -1.63
CA GLU A 121 -26.74 10.84 -1.43
C GLU A 121 -27.11 12.22 -2.04
N GLN A 122 -26.37 13.25 -1.64
CA GLN A 122 -26.64 14.59 -2.11
C GLN A 122 -26.66 14.69 -3.64
N VAL A 123 -25.73 14.02 -4.33
CA VAL A 123 -25.69 14.17 -5.79
C VAL A 123 -26.87 13.41 -6.39
N ALA A 124 -27.11 12.21 -5.89
CA ALA A 124 -28.25 11.38 -6.32
C ALA A 124 -29.55 12.11 -6.14
N ASP A 125 -29.65 12.93 -5.09
CA ASP A 125 -30.88 13.74 -4.88
C ASP A 125 -30.99 14.93 -5.82
N SER A 126 -29.87 15.44 -6.29
CA SER A 126 -29.87 16.65 -7.11
C SER A 126 -30.42 16.42 -8.51
N VAL A 127 -30.67 15.14 -8.84
CA VAL A 127 -31.19 14.76 -10.14
C VAL A 127 -32.23 13.68 -9.99
N THR A 128 -33.11 13.54 -10.98
CA THR A 128 -34.02 12.39 -11.09
C THR A 128 -33.49 11.27 -11.97
N LEU A 129 -32.32 11.49 -12.53
CA LEU A 129 -31.67 10.51 -13.39
C LEU A 129 -31.13 9.33 -12.62
N PRO A 130 -30.92 8.20 -13.32
CA PRO A 130 -30.12 7.09 -12.81
C PRO A 130 -28.71 7.54 -12.53
N VAL A 131 -28.16 7.02 -11.43
CA VAL A 131 -26.83 7.32 -11.00
C VAL A 131 -26.04 6.02 -10.97
N MET A 132 -24.89 6.08 -11.65
CA MET A 132 -24.00 4.98 -11.79
C MET A 132 -22.74 5.36 -11.06
N LEU A 133 -22.42 4.58 -10.04
CA LEU A 133 -21.17 4.77 -9.28
C LEU A 133 -19.93 4.35 -10.09
N TYR A 134 -18.77 4.85 -9.66
CA TYR A 134 -17.55 4.61 -10.39
C TYR A 134 -16.44 4.41 -9.37
N ASN A 135 -15.94 3.18 -9.31
CA ASN A 135 -14.83 2.82 -8.44
C ASN A 135 -13.55 2.68 -9.24
N PHE A 136 -12.46 3.26 -8.75
CA PHE A 136 -11.16 3.17 -9.43
C PHE A 136 -10.02 3.41 -8.43
N PRO A 137 -9.85 2.47 -7.49
CA PRO A 137 -9.03 2.70 -6.29
C PRO A 137 -7.57 2.92 -6.60
N ALA A 138 -7.13 2.33 -7.70
CA ALA A 138 -5.78 2.53 -8.17
C ALA A 138 -5.48 4.02 -8.29
N LEU A 139 -6.46 4.78 -8.77
CA LEU A 139 -6.32 6.24 -8.91
C LEU A 139 -6.89 7.02 -7.73
N THR A 140 -8.03 6.61 -7.21
CA THR A 140 -8.69 7.35 -6.13
C THR A 140 -8.02 7.18 -4.78
N GLY A 141 -7.44 6.00 -4.55
CA GLY A 141 -6.86 5.67 -3.25
C GLY A 141 -7.92 5.47 -2.16
N GLN A 142 -9.15 5.23 -2.58
CA GLN A 142 -10.23 4.93 -1.67
C GLN A 142 -11.19 4.03 -2.42
N ASP A 143 -11.29 2.80 -1.93
CA ASP A 143 -12.10 1.80 -2.57
C ASP A 143 -13.57 1.95 -2.17
N LEU A 144 -14.47 1.84 -3.14
CA LEU A 144 -15.89 1.71 -2.88
C LEU A 144 -16.17 0.24 -2.62
N THR A 145 -16.14 -0.15 -1.35
CA THR A 145 -16.34 -1.58 -0.97
C THR A 145 -17.72 -2.04 -1.32
N PRO A 146 -17.88 -3.34 -1.58
CA PRO A 146 -19.24 -3.85 -1.84
C PRO A 146 -20.23 -3.58 -0.70
N ALA A 147 -19.73 -3.55 0.54
CA ALA A 147 -20.55 -3.21 1.68
C ALA A 147 -21.10 -1.79 1.53
N LEU A 148 -20.21 -0.87 1.19
CA LEU A 148 -20.57 0.53 1.08
C LEU A 148 -21.52 0.76 -0.09
N VAL A 149 -21.29 0.02 -1.16
CA VAL A 149 -22.12 0.16 -2.35
C VAL A 149 -23.49 -0.44 -2.11
N LYS A 150 -23.55 -1.50 -1.34
CA LYS A 150 -24.85 -2.02 -0.89
C LYS A 150 -25.60 -0.97 -0.05
N THR A 151 -24.89 -0.35 0.86
CA THR A 151 -25.44 0.71 1.70
C THR A 151 -26.04 1.83 0.82
N LEU A 152 -25.33 2.20 -0.23
CA LEU A 152 -25.75 3.32 -1.07
C LEU A 152 -26.97 2.95 -1.91
N ALA A 153 -27.01 1.71 -2.39
CA ALA A 153 -28.16 1.25 -3.18
C ALA A 153 -29.38 1.13 -2.29
N ASP A 154 -29.16 0.71 -1.04
CA ASP A 154 -30.23 0.68 0.01
C ASP A 154 -30.75 2.07 0.31
N SER A 155 -29.88 3.06 0.24
CA SER A 155 -30.21 4.42 0.61
C SER A 155 -30.97 5.18 -0.44
N ARG A 156 -30.66 5.00 -1.71
CA ARG A 156 -31.28 5.82 -2.78
C ARG A 156 -31.65 4.98 -4.00
N SER A 157 -32.91 5.04 -4.38
CA SER A 157 -33.44 4.11 -5.37
C SER A 157 -32.90 4.39 -6.76
N ASN A 158 -32.34 5.60 -6.97
CA ASN A 158 -31.71 5.93 -8.27
C ASN A 158 -30.20 5.66 -8.36
N ILE A 159 -29.60 5.13 -7.31
CA ILE A 159 -28.26 4.59 -7.39
C ILE A 159 -28.41 3.13 -7.80
N ILE A 160 -28.20 2.92 -9.09
CA ILE A 160 -28.67 1.70 -9.74
C ILE A 160 -27.58 0.92 -10.45
N GLY A 161 -26.32 1.36 -10.35
CA GLY A 161 -25.19 0.54 -10.82
C GLY A 161 -23.81 1.01 -10.40
N ILE A 162 -22.80 0.32 -10.95
CA ILE A 162 -21.37 0.65 -10.75
C ILE A 162 -20.43 0.18 -11.86
N LYS A 163 -19.50 1.04 -12.22
CA LYS A 163 -18.36 0.67 -13.06
C LYS A 163 -17.20 0.33 -12.12
N ASP A 164 -16.84 -0.95 -12.00
CA ASP A 164 -15.75 -1.38 -11.10
C ASP A 164 -14.44 -1.52 -11.85
N THR A 165 -13.64 -0.47 -11.79
CA THR A 165 -12.35 -0.43 -12.49
C THR A 165 -11.25 -0.91 -11.55
N ILE A 166 -11.00 -2.22 -11.59
CA ILE A 166 -10.03 -2.89 -10.73
C ILE A 166 -9.63 -4.24 -11.35
N ASP A 167 -8.34 -4.55 -11.36
CA ASP A 167 -7.87 -5.86 -11.83
C ASP A 167 -7.99 -6.87 -10.68
N SER A 168 -9.23 -7.23 -10.34
CA SER A 168 -9.53 -8.18 -9.27
C SER A 168 -10.84 -8.97 -9.47
N VAL A 169 -10.74 -10.29 -9.61
CA VAL A 169 -11.92 -11.14 -9.72
C VAL A 169 -12.67 -11.08 -8.39
N ALA A 170 -11.94 -11.11 -7.28
CA ALA A 170 -12.55 -11.13 -5.94
C ALA A 170 -13.45 -9.93 -5.73
N HIS A 171 -12.95 -8.75 -6.08
CA HIS A 171 -13.72 -7.52 -5.91
C HIS A 171 -15.00 -7.54 -6.73
N LEU A 172 -14.90 -7.98 -7.98
CA LEU A 172 -16.08 -8.07 -8.85
C LEU A 172 -17.05 -9.14 -8.38
N ARG A 173 -16.51 -10.25 -7.93
CA ARG A 173 -17.34 -11.35 -7.44
C ARG A 173 -18.10 -10.88 -6.22
N SER A 174 -17.40 -10.20 -5.33
CA SER A 174 -17.98 -9.75 -4.07
C SER A 174 -19.00 -8.66 -4.34
N MET A 175 -18.70 -7.82 -5.32
CA MET A 175 -19.58 -6.70 -5.66
C MET A 175 -20.89 -7.28 -6.14
N ILE A 176 -20.79 -8.32 -6.96
CA ILE A 176 -22.00 -8.98 -7.44
C ILE A 176 -22.76 -9.66 -6.29
N HIS A 177 -22.12 -10.53 -5.51
CA HIS A 177 -22.85 -11.22 -4.43
C HIS A 177 -23.47 -10.30 -3.39
N THR A 178 -22.74 -9.28 -2.96
CA THR A 178 -23.20 -8.39 -1.91
C THR A 178 -24.28 -7.43 -2.41
N VAL A 179 -24.06 -6.82 -3.57
CA VAL A 179 -24.98 -5.78 -4.03
C VAL A 179 -26.14 -6.38 -4.83
N LYS A 180 -25.83 -7.12 -5.90
CA LYS A 180 -26.90 -7.82 -6.67
C LYS A 180 -27.67 -8.84 -5.83
N GLY A 181 -26.98 -9.46 -4.88
CA GLY A 181 -27.62 -10.31 -3.89
C GLY A 181 -28.76 -9.61 -3.18
N ALA A 182 -28.59 -8.32 -2.89
CA ALA A 182 -29.66 -7.52 -2.25
C ALA A 182 -30.53 -6.78 -3.25
N HIS A 183 -29.99 -6.47 -4.43
CA HIS A 183 -30.71 -5.70 -5.48
C HIS A 183 -30.47 -6.33 -6.85
N PRO A 184 -31.29 -7.32 -7.24
CA PRO A 184 -31.02 -8.07 -8.47
C PRO A 184 -30.82 -7.24 -9.73
N HIS A 185 -31.51 -6.11 -9.85
CA HIS A 185 -31.40 -5.27 -11.07
C HIS A 185 -30.35 -4.14 -10.98
N PHE A 186 -29.56 -4.15 -9.92
CA PHE A 186 -28.39 -3.28 -9.81
C PHE A 186 -27.39 -3.72 -10.87
N THR A 187 -26.91 -2.76 -11.65
CA THR A 187 -25.98 -3.09 -12.72
C THR A 187 -24.54 -3.16 -12.20
N VAL A 188 -23.80 -4.19 -12.61
CA VAL A 188 -22.36 -4.24 -12.36
C VAL A 188 -21.64 -4.44 -13.68
N LEU A 189 -20.84 -3.42 -14.02
CA LEU A 189 -20.00 -3.39 -15.20
C LEU A 189 -18.57 -3.34 -14.74
N CYS A 190 -17.68 -3.93 -15.50
CA CYS A 190 -16.26 -3.86 -15.18
C CYS A 190 -15.58 -2.78 -16.01
N GLY A 191 -14.46 -2.29 -15.53
CA GLY A 191 -13.75 -1.16 -16.16
C GLY A 191 -12.61 -1.56 -17.08
N TYR A 192 -12.27 -2.86 -17.08
CA TYR A 192 -11.12 -3.37 -17.86
C TYR A 192 -11.56 -4.43 -18.85
N ASP A 193 -10.97 -4.36 -20.04
CA ASP A 193 -11.29 -5.27 -21.13
C ASP A 193 -11.19 -6.75 -20.73
N ASP A 194 -10.16 -7.09 -19.97
CA ASP A 194 -9.82 -8.49 -19.69
C ASP A 194 -10.70 -9.10 -18.60
N HIS A 195 -11.66 -8.34 -18.11
CA HIS A 195 -12.61 -8.84 -17.09
C HIS A 195 -14.04 -8.99 -17.58
N LEU A 196 -14.31 -8.52 -18.80
CA LEU A 196 -15.66 -8.63 -19.33
C LEU A 196 -16.19 -10.07 -19.23
N PHE A 197 -15.40 -11.03 -19.70
CA PHE A 197 -15.84 -12.44 -19.73
C PHE A 197 -16.21 -12.93 -18.33
N ASN A 198 -15.25 -12.87 -17.42
CA ASN A 198 -15.51 -13.27 -16.03
C ASN A 198 -16.68 -12.52 -15.41
N THR A 199 -16.76 -11.23 -15.68
CA THR A 199 -17.85 -10.39 -15.13
C THR A 199 -19.22 -10.93 -15.55
N LEU A 200 -19.31 -11.43 -16.77
CA LEU A 200 -20.53 -12.08 -17.26
C LEU A 200 -20.78 -13.41 -16.56
N LEU A 201 -19.75 -14.24 -16.47
CA LEU A 201 -19.90 -15.58 -15.86
C LEU A 201 -20.21 -15.55 -14.37
N LEU A 202 -19.94 -14.41 -13.76
CA LEU A 202 -20.22 -14.20 -12.35
C LEU A 202 -21.62 -13.69 -12.15
N GLY A 203 -22.32 -13.39 -13.25
CA GLY A 203 -23.68 -12.83 -13.17
C GLY A 203 -23.68 -11.33 -13.10
N GLY A 204 -22.64 -10.72 -13.66
CA GLY A 204 -22.58 -9.27 -13.83
C GLY A 204 -23.14 -8.94 -15.20
N ASP A 205 -22.95 -7.71 -15.63
CA ASP A 205 -23.75 -7.15 -16.71
C ASP A 205 -23.04 -6.58 -17.91
N GLY A 206 -21.73 -6.42 -17.86
CA GLY A 206 -21.05 -5.90 -19.02
C GLY A 206 -19.78 -5.16 -18.70
N ALA A 207 -19.38 -4.28 -19.61
CA ALA A 207 -18.14 -3.52 -19.45
C ALA A 207 -18.18 -2.14 -20.06
N ILE A 208 -17.52 -1.25 -19.38
CA ILE A 208 -17.15 0.04 -19.90
C ILE A 208 -15.67 -0.02 -19.87
N SER A 209 -15.06 -0.33 -21.00
CA SER A 209 -13.59 -0.42 -21.06
C SER A 209 -12.99 0.19 -22.33
N ALA A 210 -11.71 0.50 -22.28
CA ALA A 210 -11.08 1.28 -23.32
C ALA A 210 -11.20 0.67 -24.73
N SER A 211 -11.13 -0.66 -24.83
CA SER A 211 -11.10 -1.32 -26.17
C SER A 211 -12.41 -1.11 -26.95
N GLY A 212 -13.42 -0.59 -26.27
CA GLY A 212 -14.65 -0.14 -26.93
C GLY A 212 -14.42 0.92 -28.00
N ASN A 213 -13.39 1.74 -27.82
CA ASN A 213 -13.12 2.86 -28.74
C ASN A 213 -12.54 2.41 -30.09
N PHE A 214 -11.71 1.37 -30.09
CA PHE A 214 -11.00 0.98 -31.32
C PHE A 214 -11.27 -0.44 -31.77
N ALA A 215 -11.82 -1.27 -30.90
CA ALA A 215 -12.20 -2.63 -31.25
C ALA A 215 -13.48 -3.00 -30.51
N PRO A 216 -14.53 -2.22 -30.79
CA PRO A 216 -15.82 -2.43 -30.13
C PRO A 216 -16.47 -3.72 -30.52
N GLN A 217 -16.15 -4.21 -31.73
CA GLN A 217 -16.77 -5.45 -32.23
C GLN A 217 -16.45 -6.64 -31.34
N VAL A 218 -15.24 -6.64 -30.77
CA VAL A 218 -14.78 -7.81 -30.01
C VAL A 218 -15.66 -7.99 -28.78
N SER A 219 -15.92 -6.89 -28.08
CA SER A 219 -16.73 -6.92 -26.86
C SER A 219 -18.22 -7.11 -27.20
N VAL A 220 -18.69 -6.39 -28.22
CA VAL A 220 -20.07 -6.56 -28.70
C VAL A 220 -20.37 -8.00 -29.10
N ASN A 221 -19.46 -8.59 -29.89
CA ASN A 221 -19.56 -9.99 -30.31
C ASN A 221 -19.45 -10.97 -29.15
N LEU A 222 -18.55 -10.72 -28.23
CA LEU A 222 -18.43 -11.55 -27.02
C LEU A 222 -19.80 -11.60 -26.32
N LEU A 223 -20.43 -10.43 -26.24
CA LEU A 223 -21.68 -10.31 -25.50
C LEU A 223 -22.82 -11.01 -26.24
N LYS A 224 -22.89 -10.79 -27.55
CA LYS A 224 -23.90 -11.47 -28.38
C LYS A 224 -23.72 -12.98 -28.31
N ALA A 225 -22.48 -13.44 -28.49
CA ALA A 225 -22.16 -14.86 -28.38
C ALA A 225 -22.62 -15.44 -27.04
N TRP A 226 -22.31 -14.75 -25.95
CA TRP A 226 -22.66 -15.22 -24.60
C TRP A 226 -24.18 -15.27 -24.44
N ARG A 227 -24.88 -14.22 -24.88
CA ARG A 227 -26.34 -14.18 -24.78
C ARG A 227 -26.98 -15.27 -25.65
N ASP A 228 -26.35 -15.59 -26.78
CA ASP A 228 -26.82 -16.66 -27.67
C ASP A 228 -26.48 -18.03 -27.11
N GLY A 229 -25.94 -18.09 -25.89
CA GLY A 229 -25.50 -19.36 -25.32
C GLY A 229 -24.28 -20.01 -25.97
N ASP A 230 -23.65 -19.37 -26.95
CA ASP A 230 -22.42 -19.91 -27.55
C ASP A 230 -21.20 -19.40 -26.77
N VAL A 231 -20.79 -20.19 -25.77
CA VAL A 231 -19.73 -19.81 -24.84
C VAL A 231 -18.35 -19.94 -25.48
N ALA A 232 -18.14 -21.02 -26.24
CA ALA A 232 -16.82 -21.23 -26.88
C ALA A 232 -16.49 -20.01 -27.72
N LYS A 233 -17.48 -19.51 -28.47
CA LYS A 233 -17.30 -18.32 -29.29
C LYS A 233 -16.87 -17.12 -28.42
N ALA A 234 -17.59 -16.93 -27.32
CA ALA A 234 -17.37 -15.85 -26.36
C ALA A 234 -15.98 -15.87 -25.76
N ALA A 235 -15.54 -17.06 -25.41
CA ALA A 235 -14.19 -17.28 -24.91
C ALA A 235 -13.16 -16.92 -25.99
N GLY A 236 -13.50 -17.18 -27.24
CA GLY A 236 -12.63 -16.85 -28.37
C GLY A 236 -12.29 -15.38 -28.35
N TYR A 237 -13.32 -14.56 -28.19
CA TYR A 237 -13.17 -13.11 -28.07
C TYR A 237 -12.48 -12.69 -26.78
N HIS A 238 -12.82 -13.36 -25.69
CA HIS A 238 -12.17 -13.12 -24.41
C HIS A 238 -10.67 -13.17 -24.59
N GLN A 239 -10.22 -14.17 -25.34
CA GLN A 239 -8.81 -14.38 -25.60
C GLN A 239 -8.09 -13.18 -26.22
N THR A 240 -8.76 -12.49 -27.12
CA THR A 240 -8.25 -11.24 -27.65
C THR A 240 -8.24 -10.14 -26.60
N LEU A 241 -9.34 -10.01 -25.88
CA LEU A 241 -9.43 -8.99 -24.84
C LEU A 241 -8.42 -9.22 -23.73
N LEU A 242 -8.04 -10.47 -23.52
CA LEU A 242 -6.99 -10.81 -22.58
C LEU A 242 -5.65 -10.20 -22.94
N GLN A 243 -5.35 -10.18 -24.22
CA GLN A 243 -4.06 -9.62 -24.71
C GLN A 243 -4.06 -8.11 -24.89
N ILE A 244 -5.23 -7.55 -25.15
CA ILE A 244 -5.29 -6.13 -25.53
C ILE A 244 -4.56 -5.23 -24.53
N PRO A 245 -4.76 -5.44 -23.22
CA PRO A 245 -4.22 -4.47 -22.26
C PRO A 245 -2.69 -4.33 -22.18
N GLN A 246 -1.95 -5.09 -22.98
CA GLN A 246 -0.53 -4.88 -23.11
C GLN A 246 -0.17 -3.45 -23.53
N MET A 247 -0.83 -2.96 -24.56
CA MET A 247 -0.61 -1.59 -25.06
C MET A 247 -0.64 -0.52 -23.99
N TYR A 248 -1.62 -0.60 -23.09
CA TYR A 248 -1.82 0.45 -22.11
C TYR A 248 -0.57 0.66 -21.27
N GLN A 249 0.35 -0.30 -21.31
CA GLN A 249 1.67 -0.15 -20.69
C GLN A 249 2.63 0.78 -21.43
N LEU A 250 2.28 1.25 -22.62
CA LEU A 250 3.18 2.11 -23.42
C LEU A 250 3.32 3.54 -22.94
N ASP A 251 2.37 4.00 -22.13
CA ASP A 251 2.48 5.32 -21.53
C ASP A 251 1.51 5.44 -20.35
N THR A 252 1.68 6.50 -19.57
CA THR A 252 0.79 6.80 -18.49
C THR A 252 0.67 8.32 -18.33
N PRO A 253 -0.52 8.89 -18.54
CA PRO A 253 -1.78 8.25 -18.98
C PRO A 253 -1.68 7.65 -20.36
N PHE A 254 -2.54 6.68 -20.63
CA PHE A 254 -2.55 6.01 -21.93
C PHE A 254 -3.76 6.36 -22.78
N VAL A 255 -4.25 7.56 -22.59
CA VAL A 255 -5.29 8.09 -23.48
C VAL A 255 -4.72 8.28 -24.87
N ASN A 256 -3.49 8.82 -24.94
CA ASN A 256 -2.81 8.90 -26.22
C ASN A 256 -2.87 7.56 -26.97
N VAL A 257 -2.64 6.44 -26.28
CA VAL A 257 -2.56 5.12 -26.94
C VAL A 257 -3.91 4.69 -27.51
N ILE A 258 -4.94 4.93 -26.73
CA ILE A 258 -6.29 4.59 -27.14
C ILE A 258 -6.61 5.37 -28.42
N LYS A 259 -6.36 6.67 -28.40
CA LYS A 259 -6.70 7.49 -29.56
C LYS A 259 -5.87 7.08 -30.78
N GLU A 260 -4.60 6.77 -30.56
CA GLU A 260 -3.73 6.32 -31.63
C GLU A 260 -4.23 4.98 -32.21
N ALA A 261 -4.77 4.13 -31.35
CA ALA A 261 -5.31 2.85 -31.78
C ALA A 261 -6.56 3.08 -32.65
N ILE A 262 -7.38 4.06 -32.27
CA ILE A 262 -8.57 4.40 -33.04
C ILE A 262 -8.17 4.67 -34.48
N VAL A 263 -7.06 5.39 -34.64
CA VAL A 263 -6.57 5.76 -35.96
C VAL A 263 -6.10 4.54 -36.72
N LEU A 264 -5.18 3.80 -36.11
CA LEU A 264 -4.66 2.59 -36.73
C LEU A 264 -5.72 1.56 -37.03
N CYS A 265 -6.86 1.62 -36.35
CA CYS A 265 -7.88 0.62 -36.57
C CYS A 265 -8.88 1.08 -37.62
N GLY A 266 -8.63 2.25 -38.20
CA GLY A 266 -9.34 2.69 -39.40
C GLY A 266 -10.07 4.00 -39.36
N ARG A 267 -10.04 4.68 -38.21
CA ARG A 267 -10.80 5.92 -38.06
C ARG A 267 -9.83 7.11 -37.90
N PRO A 268 -9.57 7.85 -38.99
CA PRO A 268 -8.58 8.94 -38.85
C PRO A 268 -9.13 10.12 -38.05
N VAL A 269 -8.58 10.34 -36.86
CA VAL A 269 -9.02 11.42 -35.99
C VAL A 269 -7.81 12.05 -35.37
N SER A 270 -7.96 13.27 -34.91
CA SER A 270 -6.90 13.94 -34.19
C SER A 270 -6.67 13.21 -32.84
N THR A 271 -5.40 12.88 -32.59
CA THR A 271 -5.00 12.19 -31.37
C THR A 271 -4.50 13.16 -30.29
N HIS A 272 -4.72 14.46 -30.48
CA HIS A 272 -4.27 15.43 -29.49
C HIS A 272 -4.92 15.05 -28.14
N VAL A 273 -4.10 15.10 -27.09
CA VAL A 273 -4.54 14.84 -25.70
C VAL A 273 -4.21 16.05 -24.84
N LEU A 274 -4.92 16.18 -23.74
CA LEU A 274 -4.72 17.32 -22.86
C LEU A 274 -3.62 17.08 -21.85
N PRO A 275 -2.84 18.12 -21.51
CA PRO A 275 -1.81 17.96 -20.50
C PRO A 275 -2.44 17.68 -19.14
N PRO A 276 -1.69 17.01 -18.23
CA PRO A 276 -0.27 16.61 -18.33
C PRO A 276 0.08 15.38 -19.19
N ALA A 277 -0.89 14.85 -19.93
CA ALA A 277 -0.61 13.82 -20.96
C ALA A 277 0.17 14.43 -22.12
N SER A 278 0.71 13.58 -22.99
CA SER A 278 1.51 14.05 -24.12
C SER A 278 1.35 13.13 -25.33
N PRO A 279 1.78 13.57 -26.52
CA PRO A 279 1.68 12.65 -27.66
C PRO A 279 2.53 11.39 -27.45
N LEU A 280 2.09 10.28 -28.04
CA LEU A 280 2.87 9.05 -28.03
C LEU A 280 4.02 9.15 -29.04
N ASP A 281 5.26 8.89 -28.61
CA ASP A 281 6.40 8.94 -29.54
C ASP A 281 6.26 7.93 -30.68
N GLU A 282 7.08 8.11 -31.70
CA GLU A 282 6.98 7.29 -32.93
C GLU A 282 7.28 5.81 -32.68
N PRO A 283 8.41 5.49 -32.01
CA PRO A 283 8.72 4.11 -31.68
C PRO A 283 7.55 3.36 -31.07
N ARG A 284 6.91 3.96 -30.08
CA ARG A 284 5.83 3.28 -29.39
C ARG A 284 4.55 3.23 -30.21
N LYS A 285 4.39 4.15 -31.15
CA LYS A 285 3.23 4.09 -32.08
C LYS A 285 3.36 2.87 -32.97
N ALA A 286 4.57 2.61 -33.45
CA ALA A 286 4.82 1.45 -34.28
C ALA A 286 4.67 0.17 -33.49
N GLN A 287 4.99 0.21 -32.20
CA GLN A 287 4.84 -0.97 -31.32
C GLN A 287 3.36 -1.32 -31.15
N LEU A 288 2.56 -0.27 -30.96
CA LEU A 288 1.11 -0.39 -30.88
C LEU A 288 0.62 -1.05 -32.15
N LYS A 289 1.10 -0.56 -33.28
CA LYS A 289 0.71 -1.08 -34.58
C LYS A 289 1.00 -2.57 -34.67
N THR A 290 2.18 -2.99 -34.24
CA THR A 290 2.56 -4.40 -34.31
C THR A 290 1.61 -5.22 -33.44
N LEU A 291 1.27 -4.68 -32.28
CA LEU A 291 0.34 -5.35 -31.38
C LEU A 291 -1.05 -5.52 -31.96
N LEU A 292 -1.59 -4.45 -32.49
CA LEU A 292 -2.90 -4.51 -33.12
C LEU A 292 -2.90 -5.52 -34.29
N GLN A 293 -1.79 -5.59 -35.03
CA GLN A 293 -1.69 -6.54 -36.14
C GLN A 293 -1.65 -7.99 -35.68
N GLN A 294 -0.80 -8.28 -34.70
CA GLN A 294 -0.75 -9.62 -34.08
C GLN A 294 -2.13 -10.10 -33.65
N LEU A 295 -2.93 -9.21 -33.08
CA LEU A 295 -4.26 -9.57 -32.57
C LEU A 295 -5.35 -9.56 -33.66
N LYS A 296 -4.97 -9.16 -34.87
CA LYS A 296 -5.88 -9.09 -36.02
C LYS A 296 -7.00 -8.06 -35.82
N LEU A 297 -6.60 -6.86 -35.40
CA LEU A 297 -7.54 -5.74 -35.20
C LEU A 297 -7.32 -4.60 -36.19
N CYS A 298 -6.43 -4.77 -37.16
CA CYS A 298 -6.20 -3.75 -38.19
C CYS A 298 -5.56 -4.34 -39.43
N ALA B 1 17.76 32.11 0.27
CA ALA B 1 16.64 31.11 0.43
C ALA B 1 15.28 31.77 0.61
N LEU B 2 14.35 31.43 -0.25
CA LEU B 2 13.05 32.10 -0.28
C LEU B 2 12.01 31.31 0.48
N PHE B 3 11.09 32.02 1.14
CA PHE B 3 9.92 31.40 1.80
C PHE B 3 10.30 30.44 2.94
N THR B 4 11.25 30.87 3.77
CA THR B 4 11.63 30.11 4.95
C THR B 4 10.74 30.51 6.11
N GLY B 5 10.88 29.79 7.22
CA GLY B 5 10.20 30.12 8.46
C GLY B 5 8.78 29.58 8.56
N ILE B 6 7.91 30.31 9.27
CA ILE B 6 6.53 29.89 9.52
C ILE B 6 5.52 30.53 8.56
N ILE B 7 5.02 29.75 7.61
CA ILE B 7 4.10 30.24 6.58
C ILE B 7 2.83 29.42 6.60
N PRO B 8 1.79 29.89 7.31
CA PRO B 8 0.59 29.10 7.46
C PRO B 8 -0.18 28.85 6.18
N PRO B 9 -0.81 27.67 6.06
CA PRO B 9 -1.77 27.40 5.02
C PRO B 9 -3.11 27.97 5.49
N VAL B 10 -3.31 29.22 5.12
CA VAL B 10 -4.42 30.01 5.62
C VAL B 10 -5.73 29.40 5.18
N SER B 11 -6.65 29.38 6.14
CA SER B 11 -8.02 28.91 5.92
C SER B 11 -8.81 29.95 5.14
N THR B 12 -9.57 29.49 4.16
CA THR B 12 -10.45 30.39 3.42
C THR B 12 -11.78 30.45 4.16
N ILE B 13 -12.17 31.63 4.63
CA ILE B 13 -13.41 31.78 5.37
C ILE B 13 -14.55 31.97 4.40
N PHE B 14 -15.61 31.19 4.61
CA PHE B 14 -16.84 31.29 3.81
C PHE B 14 -18.06 31.67 4.64
N THR B 15 -19.03 32.28 3.98
CA THR B 15 -20.32 32.59 4.59
C THR B 15 -21.18 31.35 4.62
N ALA B 16 -22.37 31.44 5.22
CA ALA B 16 -23.28 30.30 5.34
C ALA B 16 -23.79 29.83 3.99
N ASP B 17 -23.84 30.72 3.01
CA ASP B 17 -24.29 30.36 1.66
C ASP B 17 -23.12 29.97 0.74
N GLY B 18 -21.89 29.96 1.25
CA GLY B 18 -20.72 29.45 0.50
C GLY B 18 -19.87 30.47 -0.26
N GLN B 19 -20.06 31.76 0.00
CA GLN B 19 -19.27 32.79 -0.68
C GLN B 19 -18.07 33.17 0.14
N LEU B 20 -17.11 33.84 -0.48
CA LEU B 20 -15.95 34.33 0.25
C LEU B 20 -16.40 35.31 1.33
N ASP B 21 -16.04 35.02 2.58
CA ASP B 21 -16.30 35.91 3.73
C ASP B 21 -15.12 36.86 3.89
N LYS B 22 -15.20 37.99 3.20
CA LYS B 22 -14.07 38.93 3.13
C LYS B 22 -13.69 39.56 4.49
N PRO B 23 -14.68 40.13 5.24
CA PRO B 23 -14.37 40.61 6.57
C PRO B 23 -13.64 39.57 7.41
N GLY B 24 -14.15 38.33 7.40
CA GLY B 24 -13.60 37.23 8.20
C GLY B 24 -12.23 36.74 7.77
N THR B 25 -12.06 36.46 6.48
CA THR B 25 -10.76 36.04 5.98
C THR B 25 -9.70 37.13 6.20
N ALA B 26 -10.12 38.39 6.13
CA ALA B 26 -9.23 39.55 6.32
C ALA B 26 -8.80 39.65 7.79
N ALA B 27 -9.78 39.46 8.67
CA ALA B 27 -9.54 39.40 10.09
C ALA B 27 -8.51 38.33 10.43
N LEU B 28 -8.62 37.19 9.75
CA LEU B 28 -7.73 36.05 9.99
C LEU B 28 -6.30 36.35 9.53
N ILE B 29 -6.19 36.84 8.31
CA ILE B 29 -4.92 37.31 7.78
C ILE B 29 -4.23 38.26 8.74
N ASP B 30 -5.00 39.21 9.28
CA ASP B 30 -4.43 40.25 10.14
C ASP B 30 -3.88 39.68 11.45
N ASP B 31 -4.62 38.75 12.07
CA ASP B 31 -4.14 38.06 13.28
C ASP B 31 -2.78 37.41 13.00
N LEU B 32 -2.72 36.68 11.91
CA LEU B 32 -1.55 35.87 11.56
C LEU B 32 -0.32 36.72 11.27
N ILE B 33 -0.51 37.83 10.56
CA ILE B 33 0.59 38.79 10.31
C ILE B 33 1.07 39.35 11.64
N LYS B 34 0.10 39.75 12.46
CA LYS B 34 0.37 40.30 13.80
C LYS B 34 1.12 39.32 14.68
N ALA B 35 0.96 38.04 14.42
CA ALA B 35 1.57 36.99 15.23
C ALA B 35 3.04 36.76 14.89
N GLY B 36 3.51 37.35 13.80
CA GLY B 36 4.93 37.28 13.46
C GLY B 36 5.28 36.21 12.45
N VAL B 37 4.31 35.79 11.65
CA VAL B 37 4.59 34.78 10.61
C VAL B 37 5.42 35.36 9.47
N ASP B 38 6.12 34.47 8.78
CA ASP B 38 7.12 34.85 7.76
C ASP B 38 6.56 34.89 6.33
N GLY B 39 5.28 34.52 6.20
CA GLY B 39 4.55 34.56 4.92
C GLY B 39 3.15 34.03 5.10
N LEU B 40 2.38 33.96 4.01
CA LEU B 40 1.07 33.28 4.01
C LEU B 40 0.81 32.51 2.72
N PHE B 41 0.20 31.33 2.87
CA PHE B 41 -0.10 30.46 1.77
C PHE B 41 -1.63 30.27 1.67
N PHE B 42 -2.20 30.85 0.63
CA PHE B 42 -3.62 30.77 0.33
C PHE B 42 -3.89 29.69 -0.70
N LEU B 43 -5.03 29.03 -0.54
CA LEU B 43 -5.48 28.01 -1.48
C LEU B 43 -4.59 26.78 -1.51
N GLY B 44 -4.17 26.38 -0.31
CA GLY B 44 -3.56 25.06 -0.09
C GLY B 44 -4.66 24.04 0.19
N SER B 45 -4.30 22.90 0.75
CA SER B 45 -5.29 21.91 1.09
C SER B 45 -6.29 22.47 2.10
N GLY B 46 -5.77 23.04 3.18
CA GLY B 46 -6.60 23.67 4.21
C GLY B 46 -7.38 24.90 3.76
N GLY B 47 -6.92 25.50 2.66
CA GLY B 47 -7.64 26.57 1.97
C GLY B 47 -8.79 26.07 1.11
N GLU B 48 -8.83 24.76 0.90
CA GLU B 48 -9.94 24.06 0.21
C GLU B 48 -9.90 24.29 -1.29
N PHE B 49 -8.70 24.37 -1.84
CA PHE B 49 -8.55 24.59 -3.26
C PHE B 49 -9.33 23.56 -4.07
N SER B 50 -9.31 22.30 -3.63
CA SER B 50 -9.94 21.21 -4.38
C SER B 50 -11.48 21.22 -4.37
N GLN B 51 -12.08 22.16 -3.64
CA GLN B 51 -13.54 22.32 -3.63
C GLN B 51 -14.01 23.61 -4.24
N LEU B 52 -13.09 24.31 -4.89
CA LEU B 52 -13.39 25.59 -5.52
C LEU B 52 -13.15 25.51 -7.02
N GLY B 53 -13.99 26.19 -7.78
CA GLY B 53 -13.79 26.30 -9.21
C GLY B 53 -12.69 27.31 -9.52
N ALA B 54 -12.19 27.22 -10.73
CA ALA B 54 -11.14 28.13 -11.23
C ALA B 54 -11.37 29.60 -10.90
N GLU B 55 -12.55 30.10 -11.29
CA GLU B 55 -12.90 31.52 -11.14
C GLU B 55 -12.94 31.93 -9.68
N GLU B 56 -13.50 31.06 -8.85
CA GLU B 56 -13.55 31.31 -7.41
C GLU B 56 -12.15 31.46 -6.84
N ARG B 57 -11.27 30.55 -7.24
CA ARG B 57 -9.88 30.54 -6.76
C ARG B 57 -9.10 31.76 -7.22
N LYS B 58 -9.38 32.24 -8.41
CA LYS B 58 -8.83 33.52 -8.88
C LYS B 58 -9.24 34.66 -7.93
N ALA B 59 -10.53 34.68 -7.59
CA ALA B 59 -11.13 35.74 -6.80
C ALA B 59 -10.58 35.77 -5.37
N ILE B 60 -10.38 34.59 -4.80
CA ILE B 60 -9.88 34.45 -3.44
C ILE B 60 -8.41 34.89 -3.40
N ALA B 61 -7.69 34.55 -4.45
CA ALA B 61 -6.28 34.88 -4.51
C ALA B 61 -6.09 36.39 -4.59
N ARG B 62 -6.84 37.05 -5.48
CA ARG B 62 -6.69 38.49 -5.71
C ARG B 62 -7.10 39.27 -4.47
N PHE B 63 -8.17 38.83 -3.81
CA PHE B 63 -8.57 39.44 -2.56
C PHE B 63 -7.45 39.31 -1.53
N ALA B 64 -7.02 38.07 -1.30
CA ALA B 64 -5.97 37.76 -0.31
C ALA B 64 -4.70 38.58 -0.54
N ILE B 65 -4.24 38.61 -1.79
CA ILE B 65 -3.01 39.33 -2.14
C ILE B 65 -3.20 40.80 -1.79
N ASP B 66 -4.31 41.36 -2.28
CA ASP B 66 -4.67 42.75 -2.03
C ASP B 66 -4.71 43.06 -0.54
N HIS B 67 -5.38 42.23 0.25
CA HIS B 67 -5.52 42.54 1.66
C HIS B 67 -4.20 42.49 2.40
N VAL B 68 -3.31 41.60 1.99
CA VAL B 68 -1.99 41.46 2.62
C VAL B 68 -1.20 42.73 2.34
N ASP B 69 -1.42 43.26 1.15
CA ASP B 69 -0.80 44.51 0.71
C ASP B 69 0.72 44.53 0.96
N ARG B 70 1.37 43.40 0.63
CA ARG B 70 2.83 43.25 0.62
C ARG B 70 3.49 43.21 2.00
N ARG B 71 2.70 43.24 3.07
CA ARG B 71 3.24 43.22 4.45
C ARG B 71 4.16 42.01 4.74
N VAL B 72 3.77 40.85 4.22
CA VAL B 72 4.59 39.64 4.24
C VAL B 72 4.52 38.99 2.86
N PRO B 73 5.38 38.00 2.58
CA PRO B 73 5.27 37.27 1.32
C PRO B 73 3.97 36.43 1.22
N VAL B 74 3.40 36.40 0.03
CA VAL B 74 2.19 35.66 -0.22
C VAL B 74 2.44 34.57 -1.26
N LEU B 75 2.01 33.35 -0.94
CA LEU B 75 2.04 32.21 -1.85
C LEU B 75 0.63 31.81 -2.27
N ILE B 76 0.45 31.49 -3.55
CA ILE B 76 -0.83 31.03 -4.01
C ILE B 76 -0.73 29.62 -4.53
N GLY B 77 -1.57 28.73 -3.99
CA GLY B 77 -1.66 27.34 -4.44
C GLY B 77 -2.51 27.24 -5.68
N THR B 78 -1.88 26.85 -6.79
CA THR B 78 -2.50 26.89 -8.11
C THR B 78 -2.69 25.52 -8.72
N GLY B 79 -2.37 24.50 -7.94
CA GLY B 79 -2.36 23.12 -8.45
C GLY B 79 -3.72 22.51 -8.69
N GLY B 80 -3.70 21.32 -9.25
CA GLY B 80 -4.91 20.54 -9.52
C GLY B 80 -4.53 19.49 -10.53
N THR B 81 -5.53 18.91 -11.18
CA THR B 81 -5.34 17.85 -12.20
C THR B 81 -5.35 18.36 -13.64
N ASN B 82 -5.97 19.50 -13.81
CA ASN B 82 -6.10 20.17 -15.10
C ASN B 82 -4.91 21.10 -15.38
N ALA B 83 -3.90 20.58 -16.07
CA ALA B 83 -2.65 21.33 -16.30
C ALA B 83 -2.85 22.72 -16.90
N ARG B 84 -3.72 22.82 -17.90
CA ARG B 84 -3.98 24.12 -18.56
C ARG B 84 -4.52 25.12 -17.55
N GLU B 85 -5.40 24.64 -16.67
CA GLU B 85 -5.94 25.45 -15.60
C GLU B 85 -4.89 25.83 -14.54
N THR B 86 -3.91 24.96 -14.36
CA THR B 86 -2.80 25.24 -13.46
C THR B 86 -1.98 26.41 -13.97
N ILE B 87 -1.84 26.50 -15.28
CA ILE B 87 -1.13 27.62 -15.89
C ILE B 87 -1.95 28.91 -15.83
N GLU B 88 -3.24 28.81 -16.14
CA GLU B 88 -4.14 29.98 -16.04
C GLU B 88 -3.99 30.60 -14.66
N LEU B 89 -4.21 29.77 -13.65
CA LEU B 89 -4.18 30.24 -12.26
C LEU B 89 -2.80 30.76 -11.82
N SER B 90 -1.75 30.05 -12.19
CA SER B 90 -0.38 30.45 -11.83
C SER B 90 0.02 31.79 -12.44
N GLN B 91 -0.38 32.00 -13.69
CA GLN B 91 -0.17 33.27 -14.41
C GLN B 91 -0.99 34.37 -13.81
N HIS B 92 -2.26 34.06 -13.52
CA HIS B 92 -3.14 35.00 -12.87
C HIS B 92 -2.55 35.43 -11.53
N ALA B 93 -1.92 34.49 -10.84
CA ALA B 93 -1.37 34.75 -9.51
C ALA B 93 -0.26 35.78 -9.58
N GLN B 94 0.54 35.65 -10.63
CA GLN B 94 1.62 36.59 -10.89
C GLN B 94 1.04 37.96 -11.19
N GLN B 95 0.07 38.00 -12.13
CA GLN B 95 -0.60 39.24 -12.55
C GLN B 95 -1.16 39.92 -11.33
N ALA B 96 -1.78 39.12 -10.48
CA ALA B 96 -2.46 39.65 -9.31
C ALA B 96 -1.49 40.10 -8.20
N GLY B 97 -0.20 39.84 -8.34
CA GLY B 97 0.80 40.37 -7.38
C GLY B 97 1.36 39.39 -6.37
N ALA B 98 1.24 38.09 -6.62
CA ALA B 98 1.69 37.11 -5.66
C ALA B 98 3.18 36.96 -5.73
N ASP B 99 3.77 36.56 -4.62
CA ASP B 99 5.22 36.44 -4.51
C ASP B 99 5.76 35.09 -4.98
N GLY B 100 4.86 34.11 -5.07
CA GLY B 100 5.21 32.82 -5.63
C GLY B 100 4.00 31.94 -5.69
N ILE B 101 4.17 30.77 -6.27
CA ILE B 101 3.09 29.79 -6.33
C ILE B 101 3.48 28.45 -5.70
N VAL B 102 2.47 27.69 -5.32
CA VAL B 102 2.65 26.36 -4.70
C VAL B 102 1.93 25.30 -5.53
N VAL B 103 2.69 24.34 -6.07
CA VAL B 103 2.16 23.43 -7.08
C VAL B 103 2.31 21.96 -6.68
N ILE B 104 1.17 21.34 -6.39
CA ILE B 104 1.12 19.91 -6.12
C ILE B 104 1.17 19.14 -7.42
N ASN B 105 1.64 17.91 -7.31
CA ASN B 105 1.62 17.00 -8.45
C ASN B 105 0.18 16.59 -8.80
N PRO B 106 -0.14 16.45 -10.11
CA PRO B 106 -1.45 15.96 -10.51
C PRO B 106 -1.77 14.67 -9.80
N TYR B 107 -2.94 14.64 -9.18
CA TYR B 107 -3.27 13.64 -8.20
C TYR B 107 -4.35 12.67 -8.64
N TYR B 108 -5.01 12.90 -9.77
CA TYR B 108 -5.92 11.87 -10.30
C TYR B 108 -5.08 10.77 -10.95
N TRP B 109 -4.68 10.97 -12.20
CA TRP B 109 -3.72 10.08 -12.85
C TRP B 109 -2.37 10.23 -12.15
N LYS B 110 -1.73 9.09 -11.82
CA LYS B 110 -0.33 9.12 -11.37
C LYS B 110 0.47 9.03 -12.65
N VAL B 111 1.01 10.17 -13.01
CA VAL B 111 1.48 10.43 -14.36
C VAL B 111 2.90 9.88 -14.47
N SER B 112 3.30 9.44 -15.67
CA SER B 112 4.65 8.92 -15.89
C SER B 112 5.72 9.91 -15.42
N GLU B 113 6.92 9.41 -15.12
CA GLU B 113 7.98 10.28 -14.66
C GLU B 113 8.25 11.37 -15.70
N ALA B 114 8.43 10.97 -16.96
CA ALA B 114 8.68 11.93 -18.05
C ALA B 114 7.61 13.02 -18.09
N ASN B 115 6.35 12.57 -18.00
CA ASN B 115 5.21 13.48 -18.04
C ASN B 115 5.18 14.41 -16.85
N LEU B 116 5.59 13.86 -15.70
CA LEU B 116 5.55 14.62 -14.45
C LEU B 116 6.60 15.74 -14.46
N ILE B 117 7.78 15.41 -14.91
CA ILE B 117 8.84 16.41 -15.06
C ILE B 117 8.43 17.48 -16.08
N ARG B 118 7.88 17.03 -17.20
CA ARG B 118 7.40 17.95 -18.25
C ARG B 118 6.28 18.86 -17.70
N TYR B 119 5.41 18.32 -16.85
CA TYR B 119 4.35 19.14 -16.28
C TYR B 119 4.94 20.27 -15.47
N PHE B 120 5.72 19.90 -14.45
CA PHE B 120 6.37 20.88 -13.58
C PHE B 120 7.24 21.89 -14.32
N GLU B 121 7.96 21.43 -15.35
CA GLU B 121 8.76 22.35 -16.18
C GLU B 121 7.82 23.37 -16.83
N GLN B 122 6.79 22.86 -17.48
CA GLN B 122 5.86 23.74 -18.19
C GLN B 122 5.24 24.81 -17.32
N VAL B 123 4.86 24.45 -16.09
CA VAL B 123 4.20 25.43 -15.22
C VAL B 123 5.24 26.45 -14.74
N ALA B 124 6.41 25.95 -14.35
CA ALA B 124 7.54 26.82 -13.96
C ALA B 124 7.92 27.78 -15.06
N ASP B 125 7.81 27.37 -16.32
CA ASP B 125 8.09 28.28 -17.44
C ASP B 125 6.99 29.31 -17.67
N SER B 126 5.76 28.98 -17.32
CA SER B 126 4.63 29.85 -17.60
C SER B 126 4.61 31.10 -16.73
N VAL B 127 5.53 31.17 -15.76
CA VAL B 127 5.66 32.31 -14.83
C VAL B 127 7.13 32.63 -14.56
N THR B 128 7.39 33.86 -14.17
CA THR B 128 8.72 34.28 -13.68
C THR B 128 8.82 34.23 -12.15
N LEU B 129 7.74 33.83 -11.52
CA LEU B 129 7.68 33.70 -10.08
C LEU B 129 8.45 32.50 -9.57
N PRO B 130 8.87 32.53 -8.29
CA PRO B 130 9.31 31.35 -7.58
C PRO B 130 8.21 30.30 -7.55
N VAL B 131 8.63 29.05 -7.70
CA VAL B 131 7.73 27.91 -7.67
C VAL B 131 8.14 27.02 -6.52
N MET B 132 7.15 26.73 -5.69
CA MET B 132 7.32 25.85 -4.54
C MET B 132 6.54 24.59 -4.81
N LEU B 133 7.24 23.47 -4.81
CA LEU B 133 6.61 22.18 -5.00
C LEU B 133 5.82 21.80 -3.77
N TYR B 134 4.92 20.86 -3.96
CA TYR B 134 4.06 20.42 -2.89
C TYR B 134 3.87 18.90 -2.99
N ASN B 135 4.43 18.17 -2.01
CA ASN B 135 4.31 16.71 -1.92
C ASN B 135 3.30 16.35 -0.84
N PHE B 136 2.41 15.42 -1.15
CA PHE B 136 1.43 14.96 -0.19
C PHE B 136 0.96 13.58 -0.62
N PRO B 137 1.86 12.59 -0.56
CA PRO B 137 1.62 11.25 -1.14
C PRO B 137 0.40 10.50 -0.52
N ALA B 138 0.12 10.77 0.75
CA ALA B 138 -1.03 10.22 1.42
C ALA B 138 -2.30 10.50 0.61
N LEU B 139 -2.37 11.70 0.04
CA LEU B 139 -3.51 12.06 -0.84
C LEU B 139 -3.25 11.87 -2.34
N THR B 140 -2.06 12.23 -2.81
CA THR B 140 -1.74 12.16 -4.27
C THR B 140 -1.52 10.74 -4.79
N GLY B 141 -1.01 9.86 -3.92
CA GLY B 141 -0.71 8.49 -4.31
C GLY B 141 0.48 8.45 -5.24
N GLN B 142 1.27 9.52 -5.23
CA GLN B 142 2.49 9.57 -6.01
C GLN B 142 3.44 10.50 -5.27
N ASP B 143 4.51 9.92 -4.77
CA ASP B 143 5.49 10.64 -3.99
C ASP B 143 6.47 11.40 -4.87
N LEU B 144 6.76 12.63 -4.48
CA LEU B 144 7.83 13.40 -5.12
C LEU B 144 9.10 13.06 -4.44
N THR B 145 9.81 12.07 -4.97
CA THR B 145 11.05 11.57 -4.31
C THR B 145 12.11 12.64 -4.30
N PRO B 146 13.03 12.58 -3.34
CA PRO B 146 14.11 13.56 -3.30
C PRO B 146 14.94 13.55 -4.58
N ALA B 147 15.06 12.39 -5.22
CA ALA B 147 15.79 12.28 -6.51
C ALA B 147 15.10 13.16 -7.55
N LEU B 148 13.79 13.01 -7.61
CA LEU B 148 12.99 13.69 -8.61
C LEU B 148 12.99 15.17 -8.36
N VAL B 149 12.94 15.55 -7.09
CA VAL B 149 12.93 16.96 -6.71
C VAL B 149 14.29 17.58 -6.99
N LYS B 150 15.37 16.82 -6.80
CA LYS B 150 16.69 17.30 -7.19
C LYS B 150 16.75 17.53 -8.71
N THR B 151 16.23 16.58 -9.46
CA THR B 151 16.14 16.67 -10.91
C THR B 151 15.38 17.96 -11.33
N LEU B 152 14.29 18.26 -10.64
CA LEU B 152 13.47 19.43 -10.98
C LEU B 152 14.16 20.75 -10.63
N ALA B 153 14.86 20.78 -9.51
CA ALA B 153 15.62 21.97 -9.11
C ALA B 153 16.78 22.20 -10.08
N ASP B 154 17.42 21.10 -10.52
CA ASP B 154 18.49 21.16 -11.54
C ASP B 154 17.96 21.71 -12.84
N SER B 155 16.72 21.35 -13.17
CA SER B 155 16.12 21.69 -14.45
C SER B 155 15.65 23.12 -14.59
N ARG B 156 15.11 23.70 -13.52
CA ARG B 156 14.55 25.06 -13.60
C ARG B 156 14.91 25.92 -12.40
N SER B 157 15.52 27.05 -12.66
CA SER B 157 16.13 27.83 -11.60
C SER B 157 15.10 28.44 -10.66
N ASN B 158 13.85 28.57 -11.13
CA ASN B 158 12.76 29.10 -10.29
C ASN B 158 11.98 28.04 -9.49
N ILE B 159 12.35 26.76 -9.61
CA ILE B 159 11.84 25.75 -8.69
C ILE B 159 12.78 25.73 -7.50
N ILE B 160 12.35 26.40 -6.43
CA ILE B 160 13.24 26.84 -5.37
C ILE B 160 12.85 26.34 -3.98
N GLY B 161 11.82 25.52 -3.89
CA GLY B 161 11.49 24.86 -2.63
C GLY B 161 10.44 23.79 -2.69
N ILE B 162 10.06 23.27 -1.52
CA ILE B 162 9.03 22.23 -1.37
C ILE B 162 8.38 22.19 0.01
N LYS B 163 7.06 21.99 0.00
CA LYS B 163 6.28 21.67 1.21
C LYS B 163 6.15 20.17 1.25
N ASP B 164 6.84 19.51 2.17
CA ASP B 164 6.79 18.04 2.27
C ASP B 164 5.78 17.60 3.34
N THR B 165 4.58 17.27 2.88
CA THR B 165 3.50 16.85 3.76
C THR B 165 3.49 15.32 3.89
N ILE B 166 4.20 14.83 4.90
CA ILE B 166 4.37 13.40 5.15
C ILE B 166 4.81 13.17 6.60
N ASP B 167 4.24 12.18 7.28
CA ASP B 167 4.68 11.82 8.63
C ASP B 167 5.89 10.88 8.53
N SER B 168 7.03 11.41 8.12
CA SER B 168 8.27 10.62 7.95
C SER B 168 9.55 11.44 8.13
N VAL B 169 10.34 11.11 9.15
CA VAL B 169 11.63 11.77 9.35
C VAL B 169 12.55 11.42 8.18
N ALA B 170 12.52 10.16 7.75
CA ALA B 170 13.40 9.68 6.67
C ALA B 170 13.21 10.50 5.41
N HIS B 171 11.95 10.71 5.03
CA HIS B 171 11.63 11.45 3.82
C HIS B 171 12.14 12.90 3.88
N LEU B 172 11.93 13.54 5.02
CA LEU B 172 12.41 14.90 5.23
C LEU B 172 13.93 14.97 5.30
N ARG B 173 14.53 13.98 5.93
CA ARG B 173 15.98 13.94 6.04
C ARG B 173 16.60 13.76 4.67
N SER B 174 16.02 12.84 3.89
CA SER B 174 16.52 12.53 2.56
C SER B 174 16.31 13.71 1.61
N MET B 175 15.19 14.41 1.78
CA MET B 175 14.86 15.55 0.95
C MET B 175 15.91 16.61 1.18
N ILE B 176 16.28 16.79 2.44
CA ILE B 176 17.30 17.77 2.75
C ILE B 176 18.67 17.36 2.20
N HIS B 177 19.15 16.16 2.53
CA HIS B 177 20.49 15.78 2.02
C HIS B 177 20.62 15.76 0.51
N THR B 178 19.61 15.24 -0.19
CA THR B 178 19.67 15.10 -1.65
C THR B 178 19.52 16.45 -2.35
N VAL B 179 18.54 17.24 -1.94
CA VAL B 179 18.23 18.46 -2.69
C VAL B 179 19.06 19.63 -2.19
N LYS B 180 19.00 19.93 -0.90
CA LYS B 180 19.85 21.00 -0.31
C LYS B 180 21.32 20.69 -0.44
N GLY B 181 21.66 19.41 -0.39
CA GLY B 181 23.02 18.95 -0.71
C GLY B 181 23.53 19.45 -2.05
N ALA B 182 22.65 19.51 -3.04
CA ALA B 182 22.98 20.05 -4.38
C ALA B 182 22.66 21.53 -4.52
N HIS B 183 21.68 22.01 -3.77
CA HIS B 183 21.22 23.42 -3.86
C HIS B 183 20.99 23.97 -2.47
N PRO B 184 22.04 24.50 -1.83
CA PRO B 184 21.93 24.97 -0.43
C PRO B 184 20.76 25.91 -0.11
N HIS B 185 20.35 26.77 -1.05
CA HIS B 185 19.28 27.74 -0.78
C HIS B 185 17.90 27.28 -1.25
N PHE B 186 17.81 26.01 -1.66
CA PHE B 186 16.50 25.36 -1.89
C PHE B 186 15.78 25.28 -0.55
N THR B 187 14.54 25.74 -0.51
CA THR B 187 13.79 25.69 0.72
C THR B 187 13.12 24.30 0.96
N VAL B 188 13.22 23.81 2.18
CA VAL B 188 12.43 22.64 2.59
C VAL B 188 11.62 22.97 3.83
N LEU B 189 10.30 22.93 3.65
CA LEU B 189 9.32 23.17 4.72
C LEU B 189 8.55 21.90 4.90
N CYS B 190 8.12 21.63 6.13
CA CYS B 190 7.32 20.45 6.38
C CYS B 190 5.87 20.82 6.45
N GLY B 191 5.00 19.84 6.20
CA GLY B 191 3.54 20.09 6.10
C GLY B 191 2.77 19.81 7.38
N TYR B 192 3.46 19.21 8.36
CA TYR B 192 2.84 18.79 9.64
C TYR B 192 3.50 19.49 10.82
N ASP B 193 2.65 19.91 11.75
CA ASP B 193 3.08 20.63 12.96
C ASP B 193 4.17 19.89 13.74
N ASP B 194 4.04 18.57 13.84
CA ASP B 194 4.88 17.78 14.72
C ASP B 194 6.26 17.47 14.13
N HIS B 195 6.51 17.99 12.94
CA HIS B 195 7.80 17.84 12.29
C HIS B 195 8.63 19.12 12.18
N LEU B 196 8.04 20.25 12.54
CA LEU B 196 8.76 21.52 12.46
C LEU B 196 10.10 21.43 13.16
N PHE B 197 10.11 20.93 14.40
CA PHE B 197 11.33 20.88 15.19
C PHE B 197 12.40 20.07 14.48
N ASN B 198 12.09 18.81 14.20
CA ASN B 198 13.04 17.94 13.48
C ASN B 198 13.48 18.53 12.15
N THR B 199 12.54 19.14 11.43
CA THR B 199 12.85 19.73 10.12
C THR B 199 13.92 20.82 10.26
N LEU B 200 13.91 21.56 11.36
CA LEU B 200 14.94 22.55 11.64
C LEU B 200 16.25 21.91 12.00
N LEU B 201 16.21 20.91 12.88
CA LEU B 201 17.45 20.23 13.33
C LEU B 201 18.13 19.45 12.26
N LEU B 202 17.39 19.16 11.20
CA LEU B 202 17.91 18.46 10.05
C LEU B 202 18.53 19.43 9.06
N GLY B 203 18.37 20.73 9.31
CA GLY B 203 18.88 21.75 8.40
C GLY B 203 17.87 22.10 7.33
N GLY B 204 16.59 21.93 7.65
CA GLY B 204 15.51 22.41 6.82
C GLY B 204 15.12 23.81 7.28
N ASP B 205 13.98 24.31 6.81
CA ASP B 205 13.71 25.73 6.80
C ASP B 205 12.45 26.21 7.43
N GLY B 206 11.52 25.33 7.76
CA GLY B 206 10.32 25.80 8.43
C GLY B 206 9.16 24.92 8.21
N ALA B 207 7.97 25.49 8.36
CA ALA B 207 6.72 24.72 8.20
C ALA B 207 5.57 25.53 7.65
N ILE B 208 4.80 24.85 6.83
CA ILE B 208 3.49 25.30 6.44
C ILE B 208 2.62 24.22 6.99
N SER B 209 2.05 24.47 8.17
CA SER B 209 1.17 23.49 8.79
C SER B 209 -0.08 24.10 9.41
N ALA B 210 -1.09 23.26 9.61
CA ALA B 210 -2.39 23.76 9.97
C ALA B 210 -2.39 24.63 11.25
N SER B 211 -1.56 24.27 12.24
CA SER B 211 -1.62 24.97 13.55
C SER B 211 -1.25 26.46 13.44
N GLY B 212 -0.77 26.86 12.27
CA GLY B 212 -0.53 28.27 11.97
C GLY B 212 -1.79 29.12 12.02
N ASN B 213 -2.94 28.51 11.72
CA ASN B 213 -4.19 29.26 11.68
C ASN B 213 -4.71 29.65 13.05
N PHE B 214 -4.51 28.79 14.05
CA PHE B 214 -5.12 29.01 15.36
C PHE B 214 -4.15 29.11 16.52
N ALA B 215 -2.93 28.66 16.33
CA ALA B 215 -1.88 28.79 17.33
C ALA B 215 -0.55 29.09 16.62
N PRO B 216 -0.52 30.21 15.89
CA PRO B 216 0.65 30.58 15.15
C PRO B 216 1.82 30.94 16.07
N GLN B 217 1.52 31.41 17.28
CA GLN B 217 2.57 31.85 18.20
C GLN B 217 3.52 30.72 18.56
N VAL B 218 2.98 29.50 18.64
CA VAL B 218 3.78 28.36 19.10
C VAL B 218 4.90 28.10 18.11
N SER B 219 4.55 28.11 16.83
CA SER B 219 5.52 27.83 15.75
C SER B 219 6.46 29.03 15.55
N VAL B 220 5.91 30.24 15.56
CA VAL B 220 6.70 31.47 15.48
C VAL B 220 7.72 31.55 16.60
N ASN B 221 7.28 31.30 17.83
CA ASN B 221 8.18 31.26 18.98
C ASN B 221 9.21 30.12 18.97
N LEU B 222 8.80 28.94 18.54
CA LEU B 222 9.74 27.84 18.36
C LEU B 222 10.88 28.29 17.41
N LEU B 223 10.50 28.97 16.34
CA LEU B 223 11.45 29.36 15.34
C LEU B 223 12.38 30.44 15.89
N LYS B 224 11.80 31.42 16.56
CA LYS B 224 12.61 32.50 17.17
C LYS B 224 13.57 31.91 18.19
N ALA B 225 13.05 31.07 19.07
CA ALA B 225 13.87 30.38 20.06
C ALA B 225 15.05 29.62 19.41
N TRP B 226 14.76 28.88 18.36
CA TRP B 226 15.79 28.10 17.66
C TRP B 226 16.85 29.01 17.00
N ARG B 227 16.40 30.07 16.34
CA ARG B 227 17.32 31.05 15.71
C ARG B 227 18.16 31.81 16.77
N ASP B 228 17.58 32.01 17.95
CA ASP B 228 18.29 32.63 19.09
C ASP B 228 19.21 31.63 19.77
N GLY B 229 19.34 30.42 19.23
CA GLY B 229 20.14 29.36 19.85
C GLY B 229 19.62 28.78 21.15
N ASP B 230 18.43 29.19 21.60
CA ASP B 230 17.84 28.61 22.82
C ASP B 230 17.01 27.40 22.43
N VAL B 231 17.64 26.22 22.47
CA VAL B 231 17.03 24.99 22.01
C VAL B 231 16.02 24.42 23.00
N ALA B 232 16.36 24.47 24.30
CA ALA B 232 15.46 23.94 25.31
C ALA B 232 14.11 24.63 25.16
N LYS B 233 14.12 25.95 24.95
CA LYS B 233 12.88 26.71 24.76
C LYS B 233 12.10 26.18 23.55
N ALA B 234 12.82 26.01 22.44
CA ALA B 234 12.27 25.50 21.18
C ALA B 234 11.61 24.13 21.34
N ALA B 235 12.29 23.25 22.07
CA ALA B 235 11.76 21.93 22.39
C ALA B 235 10.50 22.05 23.22
N GLY B 236 10.44 23.06 24.08
CA GLY B 236 9.27 23.30 24.92
C GLY B 236 8.05 23.46 24.05
N TYR B 237 8.19 24.28 23.00
CA TYR B 237 7.12 24.50 22.01
C TYR B 237 6.86 23.25 21.16
N HIS B 238 7.93 22.55 20.79
CA HIS B 238 7.81 21.32 20.04
C HIS B 238 6.85 20.40 20.72
N GLN B 239 7.00 20.32 22.03
CA GLN B 239 6.14 19.46 22.86
C GLN B 239 4.64 19.72 22.70
N THR B 240 4.27 20.99 22.58
CA THR B 240 2.90 21.34 22.25
C THR B 240 2.51 20.92 20.83
N LEU B 241 3.38 21.22 19.87
CA LEU B 241 3.10 20.86 18.48
C LEU B 241 3.04 19.36 18.29
N LEU B 242 3.75 18.62 19.15
CA LEU B 242 3.65 17.16 19.16
C LEU B 242 2.25 16.65 19.46
N GLN B 243 1.56 17.32 20.38
CA GLN B 243 0.21 16.90 20.76
C GLN B 243 -0.88 17.43 19.86
N ILE B 244 -0.63 18.56 19.22
CA ILE B 244 -1.70 19.25 18.51
C ILE B 244 -2.41 18.33 17.51
N PRO B 245 -1.68 17.50 16.77
CA PRO B 245 -2.34 16.75 15.68
C PRO B 245 -3.38 15.69 16.06
N GLN B 246 -3.62 15.49 17.35
CA GLN B 246 -4.74 14.66 17.77
C GLN B 246 -6.07 15.11 17.20
N MET B 247 -6.31 16.42 17.28
CA MET B 247 -7.52 17.09 16.78
C MET B 247 -7.91 16.67 15.39
N TYR B 248 -6.93 16.62 14.52
CA TYR B 248 -7.19 16.38 13.10
C TYR B 248 -7.83 15.00 12.86
N GLN B 249 -7.75 14.12 13.86
CA GLN B 249 -8.45 12.83 13.83
C GLN B 249 -9.96 12.93 14.02
N LEU B 250 -10.49 14.11 14.31
CA LEU B 250 -11.92 14.26 14.59
C LEU B 250 -12.82 14.21 13.37
N ASP B 251 -12.26 14.44 12.20
CA ASP B 251 -13.04 14.34 10.98
C ASP B 251 -12.10 14.29 9.78
N THR B 252 -12.65 13.95 8.62
CA THR B 252 -11.89 13.92 7.39
C THR B 252 -12.81 14.30 6.24
N PRO B 253 -12.52 15.43 5.57
CA PRO B 253 -11.47 16.40 5.81
C PRO B 253 -11.62 17.11 7.15
N PHE B 254 -10.51 17.62 7.67
CA PHE B 254 -10.53 18.30 8.97
C PHE B 254 -10.33 19.80 8.84
N VAL B 255 -10.78 20.34 7.71
CA VAL B 255 -10.80 21.78 7.54
C VAL B 255 -11.84 22.38 8.52
N ASN B 256 -13.00 21.75 8.67
CA ASN B 256 -13.92 22.12 9.73
C ASN B 256 -13.23 22.29 11.11
N VAL B 257 -12.35 21.37 11.49
CA VAL B 257 -11.72 21.40 12.82
C VAL B 257 -10.78 22.60 12.99
N ILE B 258 -10.01 22.87 11.94
CA ILE B 258 -9.07 23.98 11.94
C ILE B 258 -9.85 25.27 12.11
N LYS B 259 -10.89 25.44 11.31
CA LYS B 259 -11.68 26.65 11.43
C LYS B 259 -12.37 26.78 12.80
N GLU B 260 -12.88 25.67 13.32
CA GLU B 260 -13.50 25.68 14.63
C GLU B 260 -12.47 26.05 15.73
N ALA B 261 -11.22 25.62 15.53
CA ALA B 261 -10.15 25.93 16.48
C ALA B 261 -9.86 27.43 16.44
N ILE B 262 -9.90 28.01 15.25
CA ILE B 262 -9.66 29.44 15.08
C ILE B 262 -10.61 30.20 15.96
N VAL B 263 -11.85 29.74 16.00
CA VAL B 263 -12.90 30.39 16.78
C VAL B 263 -12.62 30.26 18.26
N LEU B 264 -12.43 29.01 18.69
CA LEU B 264 -12.14 28.72 20.09
C LEU B 264 -10.89 29.37 20.59
N CYS B 265 -9.98 29.71 19.69
CA CYS B 265 -8.73 30.31 20.11
C CYS B 265 -8.81 31.83 20.12
N GLY B 266 -10.01 32.36 19.84
CA GLY B 266 -10.30 33.77 20.06
C GLY B 266 -10.75 34.59 18.87
N ARG B 267 -10.81 34.01 17.67
CA ARG B 267 -11.15 34.77 16.46
C ARG B 267 -12.51 34.31 15.92
N PRO B 268 -13.60 35.05 16.21
CA PRO B 268 -14.91 34.56 15.79
C PRO B 268 -15.08 34.73 14.29
N VAL B 269 -15.14 33.61 13.57
CA VAL B 269 -15.31 33.61 12.13
C VAL B 269 -16.28 32.55 11.78
N SER B 270 -16.85 32.66 10.60
CA SER B 270 -17.73 31.63 10.09
C SER B 270 -16.89 30.37 9.79
N THR B 271 -17.36 29.24 10.32
CA THR B 271 -16.69 27.96 10.12
C THR B 271 -17.28 27.15 8.97
N HIS B 272 -18.11 27.78 8.13
CA HIS B 272 -18.69 27.06 7.03
C HIS B 272 -17.58 26.50 6.16
N VAL B 273 -17.75 25.26 5.74
CA VAL B 273 -16.79 24.58 4.85
C VAL B 273 -17.54 24.11 3.60
N LEU B 274 -16.80 23.88 2.53
CA LEU B 274 -17.39 23.44 1.28
C LEU B 274 -17.52 21.93 1.19
N PRO B 275 -18.59 21.44 0.55
CA PRO B 275 -18.76 20.00 0.41
C PRO B 275 -17.67 19.45 -0.51
N PRO B 276 -17.33 18.14 -0.34
CA PRO B 276 -17.98 17.11 0.50
C PRO B 276 -17.66 17.13 2.01
N ALA B 277 -16.96 18.18 2.46
CA ALA B 277 -16.77 18.40 3.89
C ALA B 277 -18.11 18.77 4.53
N SER B 278 -18.15 18.73 5.86
CA SER B 278 -19.39 19.05 6.56
C SER B 278 -19.10 19.75 7.88
N PRO B 279 -20.13 20.38 8.51
CA PRO B 279 -19.87 20.97 9.83
C PRO B 279 -19.45 19.93 10.85
N LEU B 280 -18.63 20.34 11.80
CA LEU B 280 -18.24 19.46 12.89
C LEU B 280 -19.40 19.37 13.87
N ASP B 281 -19.84 18.16 14.22
CA ASP B 281 -20.91 18.02 15.23
C ASP B 281 -20.53 18.60 16.60
N GLU B 282 -21.54 18.76 17.46
CA GLU B 282 -21.34 19.44 18.75
C GLU B 282 -20.42 18.67 19.71
N PRO B 283 -20.68 17.38 19.93
CA PRO B 283 -19.77 16.58 20.72
C PRO B 283 -18.29 16.77 20.38
N ARG B 284 -17.95 16.71 19.10
CA ARG B 284 -16.55 16.78 18.70
C ARG B 284 -16.00 18.20 18.76
N LYS B 285 -16.89 19.19 18.71
CA LYS B 285 -16.45 20.57 18.94
C LYS B 285 -16.00 20.75 20.38
N ALA B 286 -16.75 20.18 21.30
CA ALA B 286 -16.38 20.23 22.70
C ALA B 286 -15.10 19.45 22.97
N GLN B 287 -14.86 18.37 22.23
CA GLN B 287 -13.63 17.57 22.37
C GLN B 287 -12.41 18.38 21.98
N LEU B 288 -12.58 19.09 20.87
CA LEU B 288 -11.57 20.00 20.37
C LEU B 288 -11.26 21.01 21.45
N LYS B 289 -12.32 21.57 22.03
CA LYS B 289 -12.17 22.55 23.08
C LYS B 289 -11.33 22.01 24.23
N THR B 290 -11.63 20.79 24.67
CA THR B 290 -10.92 20.22 25.84
C THR B 290 -9.48 20.03 25.49
N LEU B 291 -9.23 19.65 24.23
CA LEU B 291 -7.86 19.50 23.74
C LEU B 291 -7.07 20.80 23.71
N LEU B 292 -7.67 21.82 23.15
CA LEU B 292 -7.05 23.12 23.14
C LEU B 292 -6.79 23.62 24.57
N GLN B 293 -7.70 23.32 25.48
CA GLN B 293 -7.53 23.74 26.88
C GLN B 293 -6.39 23.03 27.58
N GLN B 294 -6.35 21.70 27.46
CA GLN B 294 -5.23 20.89 27.97
C GLN B 294 -3.86 21.42 27.52
N LEU B 295 -3.77 21.83 26.27
CA LEU B 295 -2.52 22.35 25.71
C LEU B 295 -2.27 23.82 26.00
N LYS B 296 -3.22 24.47 26.65
CA LYS B 296 -3.10 25.89 27.05
C LYS B 296 -3.06 26.81 25.83
N LEU B 297 -3.97 26.61 24.89
CA LEU B 297 -4.07 27.44 23.70
C LEU B 297 -5.38 28.22 23.60
N CYS B 298 -6.17 28.20 24.66
CA CYS B 298 -7.38 29.03 24.71
C CYS B 298 -7.89 29.26 26.14
N ALA C 1 8.59 -28.59 -21.10
CA ALA C 1 8.03 -27.82 -19.93
C ALA C 1 7.65 -28.72 -18.76
N LEU C 2 8.24 -28.44 -17.61
CA LEU C 2 8.09 -29.30 -16.43
C LEU C 2 6.99 -28.78 -15.49
N PHE C 3 6.25 -29.70 -14.88
CA PHE C 3 5.26 -29.36 -13.86
C PHE C 3 4.09 -28.54 -14.37
N THR C 4 3.55 -28.91 -15.52
CA THR C 4 2.39 -28.24 -16.08
C THR C 4 1.15 -28.93 -15.57
N GLY C 5 0.00 -28.34 -15.89
CA GLY C 5 -1.30 -28.91 -15.56
C GLY C 5 -1.79 -28.60 -14.16
N ILE C 6 -2.56 -29.54 -13.58
CA ILE C 6 -3.19 -29.37 -12.27
C ILE C 6 -2.39 -30.04 -11.16
N ILE C 7 -1.69 -29.23 -10.36
CA ILE C 7 -0.85 -29.73 -9.27
C ILE C 7 -1.28 -29.12 -7.94
N PRO C 8 -2.16 -29.82 -7.19
CA PRO C 8 -2.70 -29.26 -5.95
C PRO C 8 -1.66 -28.99 -4.87
N PRO C 9 -1.86 -27.89 -4.11
CA PRO C 9 -1.11 -27.66 -2.90
C PRO C 9 -1.77 -28.50 -1.83
N VAL C 10 -1.27 -29.72 -1.71
CA VAL C 10 -1.88 -30.71 -0.85
C VAL C 10 -1.85 -30.26 0.60
N SER C 11 -2.99 -30.48 1.26
CA SER C 11 -3.16 -30.21 2.68
C SER C 11 -2.41 -31.25 3.51
N THR C 12 -1.70 -30.80 4.53
CA THR C 12 -1.06 -31.72 5.45
C THR C 12 -2.08 -32.06 6.52
N ILE C 13 -2.42 -33.34 6.65
CA ILE C 13 -3.38 -33.78 7.67
C ILE C 13 -2.67 -34.06 8.99
N PHE C 14 -3.23 -33.48 10.06
CA PHE C 14 -2.66 -33.64 11.41
C PHE C 14 -3.64 -34.29 12.34
N THR C 15 -3.09 -34.91 13.37
CA THR C 15 -3.88 -35.48 14.47
C THR C 15 -4.22 -34.38 15.47
N ALA C 16 -4.97 -34.70 16.51
CA ALA C 16 -5.36 -33.67 17.50
C ALA C 16 -4.16 -33.06 18.22
N ASP C 17 -3.13 -33.85 18.46
CA ASP C 17 -2.00 -33.33 19.23
C ASP C 17 -1.00 -32.72 18.32
N GLY C 18 -1.28 -32.68 17.02
CA GLY C 18 -0.43 -31.93 16.08
C GLY C 18 0.63 -32.70 15.30
N GLN C 19 0.54 -34.03 15.28
CA GLN C 19 1.50 -34.84 14.56
C GLN C 19 0.98 -35.13 13.17
N LEU C 20 1.86 -35.60 12.30
CA LEU C 20 1.44 -36.05 10.97
C LEU C 20 0.45 -37.21 11.04
N ASP C 21 -0.72 -37.03 10.44
CA ASP C 21 -1.75 -38.07 10.33
C ASP C 21 -1.51 -38.86 9.06
N LYS C 22 -0.70 -39.90 9.14
CA LYS C 22 -0.26 -40.64 7.94
C LYS C 22 -1.38 -41.36 7.20
N PRO C 23 -2.18 -42.17 7.91
CA PRO C 23 -3.35 -42.73 7.23
C PRO C 23 -4.18 -41.69 6.45
N GLY C 24 -4.45 -40.55 7.09
CA GLY C 24 -5.28 -39.50 6.51
C GLY C 24 -4.65 -38.76 5.35
N THR C 25 -3.40 -38.32 5.52
CA THR C 25 -2.70 -37.66 4.42
C THR C 25 -2.50 -38.57 3.22
N ALA C 26 -2.35 -39.86 3.49
CA ALA C 26 -2.17 -40.86 2.44
C ALA C 26 -3.48 -41.05 1.66
N ALA C 27 -4.56 -41.12 2.41
CA ALA C 27 -5.89 -41.20 1.85
C ALA C 27 -6.15 -40.03 0.90
N LEU C 28 -5.69 -38.86 1.33
CA LEU C 28 -5.90 -37.63 0.56
C LEU C 28 -5.11 -37.67 -0.73
N ILE C 29 -3.83 -38.01 -0.62
CA ILE C 29 -2.96 -38.19 -1.80
C ILE C 29 -3.59 -39.13 -2.80
N ASP C 30 -4.13 -40.24 -2.31
CA ASP C 30 -4.67 -41.28 -3.17
C ASP C 30 -5.90 -40.81 -3.94
N ASP C 31 -6.80 -40.10 -3.28
CA ASP C 31 -7.97 -39.49 -3.95
C ASP C 31 -7.48 -38.62 -5.11
N LEU C 32 -6.54 -37.74 -4.80
CA LEU C 32 -6.08 -36.72 -5.74
C LEU C 32 -5.41 -37.34 -6.96
N ILE C 33 -4.59 -38.36 -6.74
CA ILE C 33 -3.95 -39.10 -7.86
C ILE C 33 -5.04 -39.74 -8.72
N LYS C 34 -5.96 -40.42 -8.04
CA LYS C 34 -7.10 -41.09 -8.68
C LYS C 34 -7.97 -40.09 -9.46
N ALA C 35 -7.96 -38.83 -9.07
CA ALA C 35 -8.76 -37.81 -9.74
C ALA C 35 -8.14 -37.32 -11.06
N GLY C 36 -6.88 -37.68 -11.33
CA GLY C 36 -6.22 -37.32 -12.58
C GLY C 36 -5.32 -36.11 -12.55
N VAL C 37 -4.82 -35.75 -11.37
CA VAL C 37 -3.94 -34.60 -11.27
C VAL C 37 -2.57 -34.90 -11.85
N ASP C 38 -1.86 -33.84 -12.22
CA ASP C 38 -0.63 -33.94 -12.98
C ASP C 38 0.63 -33.88 -12.13
N GLY C 39 0.43 -33.68 -10.83
CA GLY C 39 1.51 -33.66 -9.84
C GLY C 39 0.94 -33.41 -8.46
N LEU C 40 1.81 -33.33 -7.46
CA LEU C 40 1.41 -32.87 -6.11
C LEU C 40 2.49 -32.01 -5.45
N PHE C 41 2.03 -30.96 -4.77
CA PHE C 41 2.89 -30.02 -4.11
C PHE C 41 2.60 -30.07 -2.62
N PHE C 42 3.57 -30.61 -1.88
CA PHE C 42 3.52 -30.71 -0.42
C PHE C 42 4.30 -29.58 0.24
N LEU C 43 3.79 -29.11 1.39
CA LEU C 43 4.43 -28.07 2.17
C LEU C 43 4.48 -26.70 1.46
N GLY C 44 3.36 -26.38 0.80
CA GLY C 44 3.10 -25.04 0.33
C GLY C 44 2.43 -24.25 1.44
N SER C 45 1.79 -23.13 1.09
CA SER C 45 1.10 -22.36 2.11
C SER C 45 0.01 -23.21 2.73
N GLY C 46 -0.82 -23.83 1.89
CA GLY C 46 -1.94 -24.64 2.37
C GLY C 46 -1.51 -25.92 3.05
N GLY C 47 -0.27 -26.30 2.80
CA GLY C 47 0.38 -27.38 3.55
C GLY C 47 0.86 -26.96 4.93
N GLU C 48 0.86 -25.65 5.19
CA GLU C 48 1.20 -25.04 6.50
C GLU C 48 2.69 -25.07 6.80
N PHE C 49 3.52 -24.91 5.78
CA PHE C 49 4.97 -24.98 5.96
C PHE C 49 5.40 -23.98 7.04
N SER C 50 4.78 -22.80 7.06
CA SER C 50 5.19 -21.71 7.98
C SER C 50 4.82 -21.93 9.44
N GLN C 51 4.14 -23.04 9.73
CA GLN C 51 3.83 -23.40 11.11
C GLN C 51 4.50 -24.70 11.56
N LEU C 52 5.45 -25.18 10.77
CA LEU C 52 6.17 -26.41 11.07
C LEU C 52 7.65 -26.14 11.22
N GLY C 53 8.30 -26.89 12.10
CA GLY C 53 9.74 -26.82 12.24
C GLY C 53 10.45 -27.63 11.16
N ALA C 54 11.72 -27.33 10.98
CA ALA C 54 12.56 -27.97 9.98
C ALA C 54 12.39 -29.48 9.94
N GLU C 55 12.57 -30.11 11.11
CA GLU C 55 12.56 -31.58 11.22
C GLU C 55 11.21 -32.17 10.86
N GLU C 56 10.15 -31.48 11.30
CA GLU C 56 8.79 -31.88 10.95
C GLU C 56 8.58 -31.86 9.43
N ARG C 57 9.05 -30.80 8.80
CA ARG C 57 8.91 -30.62 7.36
C ARG C 57 9.69 -31.66 6.58
N LYS C 58 10.86 -32.03 7.10
CA LYS C 58 11.63 -33.14 6.52
C LYS C 58 10.81 -34.44 6.53
N ALA C 59 10.20 -34.69 7.69
CA ALA C 59 9.42 -35.91 7.93
C ALA C 59 8.17 -36.03 7.03
N ILE C 60 7.50 -34.90 6.85
CA ILE C 60 6.30 -34.84 6.03
C ILE C 60 6.65 -35.05 4.55
N ALA C 61 7.77 -34.47 4.15
CA ALA C 61 8.19 -34.55 2.77
C ALA C 61 8.51 -36.00 2.36
N ARG C 62 9.31 -36.69 3.16
CA ARG C 62 9.71 -38.06 2.83
C ARG C 62 8.53 -39.00 2.84
N PHE C 63 7.69 -38.84 3.84
CA PHE C 63 6.48 -39.65 3.91
C PHE C 63 5.67 -39.47 2.62
N ALA C 64 5.37 -38.21 2.32
CA ALA C 64 4.64 -37.85 1.11
C ALA C 64 5.28 -38.41 -0.16
N ILE C 65 6.59 -38.20 -0.32
CA ILE C 65 7.30 -38.68 -1.50
C ILE C 65 7.16 -40.18 -1.60
N ASP C 66 7.46 -40.86 -0.50
CA ASP C 66 7.35 -42.31 -0.42
C ASP C 66 5.96 -42.80 -0.77
N HIS C 67 4.93 -42.21 -0.17
CA HIS C 67 3.56 -42.70 -0.41
C HIS C 67 3.12 -42.50 -1.84
N VAL C 68 3.58 -41.44 -2.49
CA VAL C 68 3.26 -41.18 -3.91
C VAL C 68 3.92 -42.23 -4.78
N ASP C 69 5.10 -42.64 -4.35
CA ASP C 69 5.84 -43.71 -5.01
C ASP C 69 5.93 -43.47 -6.50
N ARG C 70 6.20 -42.24 -6.90
CA ARG C 70 6.49 -41.87 -8.32
C ARG C 70 5.31 -42.00 -9.29
N ARG C 71 4.11 -42.28 -8.78
CA ARG C 71 2.88 -42.32 -9.61
C ARG C 71 2.62 -41.02 -10.38
N VAL C 72 2.90 -39.89 -9.74
CA VAL C 72 2.94 -38.56 -10.39
C VAL C 72 4.19 -37.80 -9.91
N PRO C 73 4.51 -36.68 -10.57
CA PRO C 73 5.57 -35.81 -10.04
C PRO C 73 5.24 -35.18 -8.66
N VAL C 74 6.27 -35.07 -7.83
CA VAL C 74 6.12 -34.50 -6.50
C VAL C 74 7.02 -33.26 -6.34
N LEU C 75 6.43 -32.17 -5.86
CA LEU C 75 7.15 -30.94 -5.53
C LEU C 75 7.17 -30.72 -4.01
N ILE C 76 8.31 -30.27 -3.50
CA ILE C 76 8.38 -29.98 -2.07
C ILE C 76 8.70 -28.52 -1.88
N GLY C 77 7.86 -27.85 -1.09
CA GLY C 77 8.06 -26.46 -0.72
C GLY C 77 9.05 -26.36 0.41
N THR C 78 10.20 -25.76 0.13
CA THR C 78 11.34 -25.74 1.05
C THR C 78 11.69 -24.34 1.56
N GLY C 79 10.85 -23.38 1.19
CA GLY C 79 11.12 -21.97 1.50
C GLY C 79 10.95 -21.56 2.93
N GLY C 80 11.33 -20.32 3.21
CA GLY C 80 11.20 -19.72 4.52
C GLY C 80 12.08 -18.49 4.54
N THR C 81 12.41 -18.01 5.75
CA THR C 81 13.29 -16.82 5.94
C THR C 81 14.77 -17.18 6.21
N ASN C 82 14.97 -18.39 6.71
CA ASN C 82 16.28 -18.91 7.09
C ASN C 82 16.96 -19.60 5.92
N ALA C 83 17.80 -18.86 5.18
CA ALA C 83 18.37 -19.34 3.93
C ALA C 83 19.10 -20.65 4.08
N ARG C 84 19.91 -20.79 5.13
CA ARG C 84 20.67 -22.03 5.36
C ARG C 84 19.74 -23.20 5.52
N GLU C 85 18.62 -22.97 6.20
CA GLU C 85 17.57 -23.99 6.37
C GLU C 85 16.86 -24.32 5.06
N THR C 86 16.76 -23.33 4.18
CA THR C 86 16.17 -23.53 2.87
C THR C 86 17.03 -24.47 2.05
N ILE C 87 18.34 -24.39 2.25
CA ILE C 87 19.25 -25.31 1.57
C ILE C 87 19.18 -26.72 2.17
N GLU C 88 19.19 -26.80 3.49
CA GLU C 88 19.10 -28.10 4.16
C GLU C 88 17.89 -28.84 3.61
N LEU C 89 16.74 -28.18 3.67
CA LEU C 89 15.48 -28.80 3.25
C LEU C 89 15.46 -29.13 1.75
N SER C 90 15.95 -28.23 0.92
CA SER C 90 15.94 -28.43 -0.53
C SER C 90 16.80 -29.62 -0.93
N GLN C 91 17.95 -29.72 -0.26
CA GLN C 91 18.87 -30.86 -0.46
C GLN C 91 18.27 -32.15 0.04
N HIS C 92 17.66 -32.07 1.22
CA HIS C 92 16.96 -33.21 1.80
C HIS C 92 15.86 -33.68 0.86
N ALA C 93 15.21 -32.73 0.22
CA ALA C 93 14.12 -33.06 -0.68
C ALA C 93 14.61 -33.90 -1.84
N GLN C 94 15.77 -33.54 -2.34
CA GLN C 94 16.40 -34.26 -3.45
C GLN C 94 16.78 -35.65 -3.01
N GLN C 95 17.49 -35.72 -1.88
CA GLN C 95 17.94 -37.00 -1.31
C GLN C 95 16.70 -37.90 -1.06
N ALA C 96 15.59 -37.30 -0.59
CA ALA C 96 14.37 -38.04 -0.30
C ALA C 96 13.56 -38.46 -1.54
N GLY C 97 13.96 -38.01 -2.72
CA GLY C 97 13.36 -38.48 -3.96
C GLY C 97 12.35 -37.58 -4.59
N ALA C 98 12.38 -36.31 -4.24
CA ALA C 98 11.43 -35.36 -4.82
C ALA C 98 11.83 -34.98 -6.24
N ASP C 99 10.83 -34.61 -7.04
CA ASP C 99 11.04 -34.27 -8.46
C ASP C 99 11.45 -32.81 -8.69
N GLY C 100 11.18 -31.98 -7.70
CA GLY C 100 11.61 -30.60 -7.73
C GLY C 100 11.23 -29.89 -6.44
N ILE C 101 11.65 -28.64 -6.31
CA ILE C 101 11.33 -27.86 -5.13
C ILE C 101 10.62 -26.58 -5.47
N VAL C 102 9.90 -26.04 -4.49
CA VAL C 102 9.15 -24.78 -4.65
C VAL C 102 9.62 -23.76 -3.61
N VAL C 103 10.15 -22.63 -4.08
CA VAL C 103 10.87 -21.69 -3.22
C VAL C 103 10.26 -20.28 -3.26
N ILE C 104 9.64 -19.90 -2.17
CA ILE C 104 9.14 -18.53 -2.00
C ILE C 104 10.30 -17.59 -1.62
N ASN C 105 10.11 -16.31 -1.94
CA ASN C 105 11.08 -15.30 -1.54
C ASN C 105 11.01 -15.06 -0.03
N PRO C 106 12.16 -14.79 0.60
CA PRO C 106 12.18 -14.53 2.03
C PRO C 106 11.24 -13.40 2.35
N TYR C 107 10.38 -13.64 3.35
CA TYR C 107 9.19 -12.86 3.55
C TYR C 107 9.22 -12.05 4.84
N TYR C 108 10.22 -12.24 5.71
CA TYR C 108 10.39 -11.30 6.83
C TYR C 108 11.02 -9.99 6.30
N TRP C 109 12.34 -9.95 6.19
CA TRP C 109 13.04 -8.83 5.53
C TRP C 109 12.74 -8.86 4.05
N LYS C 110 12.37 -7.70 3.49
CA LYS C 110 12.23 -7.57 2.06
C LYS C 110 13.60 -7.19 1.61
N VAL C 111 14.25 -8.18 1.04
CA VAL C 111 15.70 -8.20 0.87
C VAL C 111 16.04 -7.42 -0.39
N SER C 112 17.21 -6.79 -0.41
CA SER C 112 17.65 -6.03 -1.58
C SER C 112 17.59 -6.87 -2.84
N GLU C 113 17.49 -6.23 -3.99
CA GLU C 113 17.45 -6.96 -5.26
C GLU C 113 18.67 -7.86 -5.41
N ALA C 114 19.86 -7.29 -5.22
CA ALA C 114 21.12 -8.06 -5.31
C ALA C 114 21.10 -9.29 -4.38
N ASN C 115 20.66 -9.06 -3.15
CA ASN C 115 20.57 -10.13 -2.17
C ASN C 115 19.54 -11.18 -2.56
N LEU C 116 18.45 -10.73 -3.19
CA LEU C 116 17.35 -11.61 -3.55
C LEU C 116 17.76 -12.53 -4.69
N ILE C 117 18.43 -11.96 -5.67
CA ILE C 117 18.94 -12.76 -6.77
C ILE C 117 20.00 -13.76 -6.28
N ARG C 118 20.90 -13.30 -5.42
CA ARG C 118 21.94 -14.15 -4.85
C ARG C 118 21.30 -15.27 -4.02
N TYR C 119 20.19 -14.99 -3.32
CA TYR C 119 19.51 -16.03 -2.52
C TYR C 119 19.01 -17.15 -3.42
N PHE C 120 18.18 -16.78 -4.37
CA PHE C 120 17.65 -17.73 -5.35
C PHE C 120 18.71 -18.48 -6.14
N GLU C 121 19.80 -17.79 -6.52
CA GLU C 121 20.90 -18.47 -7.19
C GLU C 121 21.46 -19.55 -6.25
N GLN C 122 21.78 -19.15 -5.03
CA GLN C 122 22.39 -20.06 -4.08
C GLN C 122 21.58 -21.32 -3.87
N VAL C 123 20.26 -21.19 -3.77
CA VAL C 123 19.45 -22.37 -3.46
C VAL C 123 19.37 -23.25 -4.72
N ALA C 124 19.16 -22.62 -5.87
CA ALA C 124 19.17 -23.32 -7.17
C ALA C 124 20.48 -24.07 -7.38
N ASP C 125 21.60 -23.53 -6.90
CA ASP C 125 22.88 -24.25 -6.99
C ASP C 125 23.03 -25.39 -6.00
N SER C 126 22.35 -25.32 -4.87
CA SER C 126 22.51 -26.34 -3.84
C SER C 126 21.85 -27.66 -4.20
N VAL C 127 21.14 -27.69 -5.32
CA VAL C 127 20.48 -28.90 -5.82
C VAL C 127 20.63 -29.01 -7.35
N THR C 128 20.53 -30.23 -7.88
CA THR C 128 20.44 -30.46 -9.34
C THR C 128 18.96 -30.58 -9.81
N LEU C 129 18.04 -30.49 -8.86
CA LEU C 129 16.61 -30.56 -9.15
C LEU C 129 16.11 -29.30 -9.86
N PRO C 130 14.98 -29.43 -10.58
CA PRO C 130 14.21 -28.28 -10.99
C PRO C 130 13.77 -27.43 -9.79
N VAL C 131 13.81 -26.12 -10.00
CA VAL C 131 13.39 -25.15 -9.01
C VAL C 131 12.22 -24.34 -9.57
N MET C 132 11.15 -24.31 -8.78
CA MET C 132 9.95 -23.61 -9.11
C MET C 132 9.83 -22.46 -8.11
N LEU C 133 9.81 -21.24 -8.65
CA LEU C 133 9.65 -20.03 -7.83
C LEU C 133 8.23 -19.92 -7.33
N TYR C 134 8.06 -19.11 -6.29
CA TYR C 134 6.76 -18.94 -5.69
C TYR C 134 6.58 -17.47 -5.28
N ASN C 135 5.67 -16.80 -5.96
CA ASN C 135 5.34 -15.41 -5.70
C ASN C 135 4.03 -15.33 -4.96
N PHE C 136 3.99 -14.52 -3.90
CA PHE C 136 2.75 -14.34 -3.12
C PHE C 136 2.82 -13.02 -2.36
N PRO C 137 2.79 -11.91 -3.10
CA PRO C 137 3.11 -10.58 -2.58
C PRO C 137 2.15 -10.10 -1.48
N ALA C 138 0.91 -10.57 -1.57
CA ALA C 138 -0.08 -10.30 -0.54
C ALA C 138 0.47 -10.68 0.85
N LEU C 139 1.17 -11.81 0.92
CA LEU C 139 1.79 -12.24 2.17
C LEU C 139 3.26 -11.83 2.31
N THR C 140 4.06 -11.93 1.24
CA THR C 140 5.50 -11.64 1.33
C THR C 140 5.79 -10.16 1.48
N GLY C 141 4.95 -9.32 0.86
CA GLY C 141 5.20 -7.88 0.80
C GLY C 141 6.37 -7.52 -0.12
N GLN C 142 6.73 -8.44 -1.01
CA GLN C 142 7.76 -8.20 -2.01
C GLN C 142 7.44 -9.06 -3.23
N ASP C 143 7.12 -8.38 -4.31
CA ASP C 143 6.65 -9.01 -5.53
C ASP C 143 7.84 -9.51 -6.33
N LEU C 144 7.72 -10.72 -6.85
CA LEU C 144 8.67 -11.21 -7.82
C LEU C 144 8.20 -10.73 -9.18
N THR C 145 8.71 -9.59 -9.63
CA THR C 145 8.29 -8.99 -10.90
C THR C 145 8.67 -9.89 -12.06
N PRO C 146 7.90 -9.83 -13.16
CA PRO C 146 8.31 -10.57 -14.36
C PRO C 146 9.74 -10.28 -14.84
N ALA C 147 10.19 -9.03 -14.65
CA ALA C 147 11.56 -8.63 -15.02
C ALA C 147 12.56 -9.45 -14.20
N LEU C 148 12.31 -9.49 -12.91
CA LEU C 148 13.19 -10.19 -11.99
C LEU C 148 13.18 -11.71 -12.25
N VAL C 149 12.01 -12.24 -12.56
CA VAL C 149 11.87 -13.67 -12.83
C VAL C 149 12.53 -14.03 -14.15
N LYS C 150 12.46 -13.14 -15.12
CA LYS C 150 13.23 -13.33 -16.36
C LYS C 150 14.73 -13.36 -16.06
N THR C 151 15.17 -12.42 -15.23
CA THR C 151 16.57 -12.36 -14.80
C THR C 151 17.02 -13.69 -14.17
N LEU C 152 16.16 -14.26 -13.33
CA LEU C 152 16.50 -15.48 -12.62
C LEU C 152 16.53 -16.69 -13.55
N ALA C 153 15.61 -16.74 -14.51
CA ALA C 153 15.59 -17.84 -15.48
C ALA C 153 16.81 -17.75 -16.41
N ASP C 154 17.20 -16.51 -16.76
CA ASP C 154 18.42 -16.25 -17.54
C ASP C 154 19.65 -16.71 -16.78
N SER C 155 19.61 -16.56 -15.47
CA SER C 155 20.77 -16.83 -14.62
C SER C 155 21.01 -18.30 -14.36
N ARG C 156 19.96 -19.09 -14.18
CA ARG C 156 20.14 -20.50 -13.80
C ARG C 156 19.20 -21.41 -14.56
N SER C 157 19.77 -22.41 -15.22
CA SER C 157 19.01 -23.23 -16.15
C SER C 157 18.00 -24.14 -15.44
N ASN C 158 18.19 -24.38 -14.15
CA ASN C 158 17.21 -25.16 -13.36
C ASN C 158 16.11 -24.35 -12.69
N ILE C 159 16.11 -23.03 -12.86
CA ILE C 159 14.94 -22.23 -12.47
C ILE C 159 13.99 -22.19 -13.65
N ILE C 160 12.98 -23.05 -13.56
CA ILE C 160 12.22 -23.48 -14.72
C ILE C 160 10.72 -23.25 -14.60
N GLY C 161 10.29 -22.60 -13.52
CA GLY C 161 8.89 -22.15 -13.44
C GLY C 161 8.54 -21.23 -12.28
N ILE C 162 7.24 -20.96 -12.14
CA ILE C 162 6.71 -20.12 -11.05
C ILE C 162 5.22 -20.35 -10.75
N LYS C 163 4.90 -20.38 -9.46
CA LYS C 163 3.53 -20.34 -8.99
C LYS C 163 3.24 -18.87 -8.69
N ASP C 164 2.41 -18.21 -9.51
CA ASP C 164 2.06 -16.79 -9.30
C ASP C 164 0.74 -16.64 -8.53
N THR C 165 0.86 -16.46 -7.23
CA THR C 165 -0.31 -16.35 -6.35
C THR C 165 -0.69 -14.87 -6.17
N ILE C 166 -1.57 -14.42 -7.05
CA ILE C 166 -1.99 -13.02 -7.10
C ILE C 166 -3.32 -12.90 -7.86
N ASP C 167 -4.25 -12.12 -7.33
CA ASP C 167 -5.51 -11.86 -8.04
C ASP C 167 -5.30 -10.72 -9.06
N SER C 168 -4.55 -11.02 -10.13
CA SER C 168 -4.26 -10.02 -11.18
C SER C 168 -4.01 -10.64 -12.55
N VAL C 169 -4.86 -10.32 -13.52
CA VAL C 169 -4.66 -10.79 -14.90
C VAL C 169 -3.39 -10.14 -15.45
N ALA C 170 -3.19 -8.86 -15.18
CA ALA C 170 -2.02 -8.14 -15.71
C ALA C 170 -0.71 -8.80 -15.31
N HIS C 171 -0.60 -9.16 -14.03
CA HIS C 171 0.61 -9.79 -13.52
C HIS C 171 0.87 -11.11 -14.21
N LEU C 172 -0.18 -11.93 -14.35
CA LEU C 172 -0.03 -13.21 -15.03
C LEU C 172 0.28 -13.06 -16.51
N ARG C 173 -0.36 -12.08 -17.13
CA ARG C 173 -0.16 -11.83 -18.55
C ARG C 173 1.28 -11.39 -18.79
N SER C 174 1.74 -10.49 -17.93
CA SER C 174 3.08 -9.94 -18.05
C SER C 174 4.14 -11.00 -17.75
N MET C 175 3.82 -11.88 -16.80
CA MET C 175 4.73 -12.95 -16.39
C MET C 175 4.90 -13.86 -17.59
N ILE C 176 3.80 -14.15 -18.27
CA ILE C 176 3.88 -14.99 -19.45
C ILE C 176 4.65 -14.29 -20.58
N HIS C 177 4.26 -13.09 -20.99
CA HIS C 177 4.99 -12.43 -22.10
C HIS C 177 6.48 -12.21 -21.84
N THR C 178 6.84 -11.76 -20.63
CA THR C 178 8.24 -11.41 -20.32
C THR C 178 9.09 -12.65 -20.15
N VAL C 179 8.60 -13.63 -19.40
CA VAL C 179 9.43 -14.79 -19.07
C VAL C 179 9.33 -15.87 -20.16
N LYS C 180 8.11 -16.34 -20.45
CA LYS C 180 7.92 -17.33 -21.54
C LYS C 180 8.34 -16.78 -22.89
N GLY C 181 8.16 -15.49 -23.09
CA GLY C 181 8.68 -14.79 -24.27
C GLY C 181 10.16 -15.03 -24.47
N ALA C 182 10.93 -15.08 -23.38
CA ALA C 182 12.37 -15.36 -23.46
C ALA C 182 12.70 -16.84 -23.27
N HIS C 183 11.82 -17.57 -22.58
CA HIS C 183 12.03 -19.00 -22.27
C HIS C 183 10.74 -19.78 -22.46
N PRO C 184 10.47 -20.24 -23.69
CA PRO C 184 9.19 -20.89 -24.00
C PRO C 184 8.77 -22.03 -23.08
N HIS C 185 9.72 -22.80 -22.56
CA HIS C 185 9.36 -23.95 -21.72
C HIS C 185 9.37 -23.66 -20.22
N PHE C 186 9.52 -22.39 -19.87
CA PHE C 186 9.36 -21.94 -18.49
C PHE C 186 7.90 -22.14 -18.11
N THR C 187 7.64 -22.78 -16.98
CA THR C 187 6.27 -23.02 -16.54
C THR C 187 5.68 -21.83 -15.78
N VAL C 188 4.45 -21.46 -16.14
CA VAL C 188 3.69 -20.46 -15.35
C VAL C 188 2.36 -21.06 -14.93
N LEU C 189 2.23 -21.21 -13.61
CA LEU C 189 1.05 -21.74 -12.94
C LEU C 189 0.51 -20.63 -12.10
N CYS C 190 -0.81 -20.58 -11.97
CA CYS C 190 -1.44 -19.58 -11.10
C CYS C 190 -1.78 -20.20 -9.75
N GLY C 191 -1.89 -19.36 -8.74
CA GLY C 191 -2.07 -19.83 -7.35
C GLY C 191 -3.52 -19.84 -6.89
N TYR C 192 -4.41 -19.26 -7.70
CA TYR C 192 -5.82 -19.12 -7.35
C TYR C 192 -6.71 -19.86 -8.34
N ASP C 193 -7.74 -20.50 -7.80
CA ASP C 193 -8.70 -21.27 -8.60
C ASP C 193 -9.34 -20.47 -9.75
N ASP C 194 -9.66 -19.22 -9.48
CA ASP C 194 -10.43 -18.41 -10.42
C ASP C 194 -9.57 -17.81 -11.56
N HIS C 195 -8.29 -18.15 -11.57
CA HIS C 195 -7.42 -17.72 -12.65
C HIS C 195 -6.93 -18.83 -13.59
N LEU C 196 -7.23 -20.08 -13.25
CA LEU C 196 -6.80 -21.20 -14.07
C LEU C 196 -7.19 -21.00 -15.54
N PHE C 197 -8.46 -20.67 -15.78
CA PHE C 197 -8.97 -20.52 -17.17
C PHE C 197 -8.18 -19.47 -17.92
N ASN C 198 -8.18 -18.24 -17.41
CA ASN C 198 -7.41 -17.15 -18.03
C ASN C 198 -5.93 -17.51 -18.20
N THR C 199 -5.35 -18.15 -17.20
CA THR C 199 -3.93 -18.51 -17.24
C THR C 199 -3.66 -19.42 -18.44
N LEU C 200 -4.61 -20.30 -18.77
CA LEU C 200 -4.49 -21.14 -19.95
C LEU C 200 -4.63 -20.35 -21.23
N LEU C 201 -5.66 -19.50 -21.29
CA LEU C 201 -5.92 -18.71 -22.52
C LEU C 201 -4.85 -17.69 -22.81
N LEU C 202 -4.04 -17.37 -21.79
CA LEU C 202 -2.91 -16.46 -21.93
C LEU C 202 -1.66 -17.18 -22.41
N GLY C 203 -1.72 -18.51 -22.50
CA GLY C 203 -0.57 -19.32 -22.87
C GLY C 203 0.29 -19.70 -21.67
N GLY C 204 -0.35 -19.77 -20.51
CA GLY C 204 0.29 -20.31 -19.32
C GLY C 204 -0.03 -21.78 -19.24
N ASP C 205 0.25 -22.39 -18.10
CA ASP C 205 0.40 -23.82 -18.02
C ASP C 205 -0.44 -24.59 -17.02
N GLY C 206 -1.10 -23.89 -16.11
CA GLY C 206 -1.93 -24.62 -15.15
C GLY C 206 -2.09 -23.91 -13.85
N ALA C 207 -2.41 -24.68 -12.81
CA ALA C 207 -2.66 -24.11 -11.49
C ALA C 207 -2.28 -25.03 -10.34
N ILE C 208 -1.78 -24.38 -9.30
CA ILE C 208 -1.60 -24.99 -8.01
C ILE C 208 -2.50 -24.14 -7.16
N SER C 209 -3.72 -24.62 -6.94
CA SER C 209 -4.69 -23.85 -6.12
C SER C 209 -5.47 -24.72 -5.15
N ALA C 210 -6.04 -24.08 -4.14
CA ALA C 210 -6.63 -24.82 -3.02
C ALA C 210 -7.72 -25.81 -3.44
N SER C 211 -8.55 -25.46 -4.43
CA SER C 211 -9.71 -26.32 -4.79
C SER C 211 -9.28 -27.69 -5.32
N GLY C 212 -7.98 -27.85 -5.57
CA GLY C 212 -7.42 -29.16 -5.88
C GLY C 212 -7.66 -30.18 -4.79
N ASN C 213 -7.72 -29.73 -3.53
CA ASN C 213 -7.82 -30.65 -2.38
C ASN C 213 -9.19 -31.30 -2.25
N PHE C 214 -10.23 -30.55 -2.57
CA PHE C 214 -11.61 -31.03 -2.32
C PHE C 214 -12.50 -31.12 -3.56
N ALA C 215 -12.08 -30.47 -4.64
CA ALA C 215 -12.80 -30.56 -5.91
C ALA C 215 -11.78 -30.57 -7.06
N PRO C 216 -10.90 -31.59 -7.04
CA PRO C 216 -9.84 -31.67 -8.04
C PRO C 216 -10.39 -31.98 -9.42
N GLN C 217 -11.54 -32.63 -9.47
CA GLN C 217 -12.14 -33.00 -10.75
C GLN C 217 -12.44 -31.75 -11.60
N VAL C 218 -12.84 -30.66 -10.96
CA VAL C 218 -13.26 -29.46 -11.69
C VAL C 218 -12.10 -28.91 -12.49
N SER C 219 -10.94 -28.81 -11.86
CA SER C 219 -9.74 -28.25 -12.50
C SER C 219 -9.15 -29.26 -13.51
N VAL C 220 -9.11 -30.54 -13.11
CA VAL C 220 -8.66 -31.62 -14.01
C VAL C 220 -9.51 -31.67 -15.28
N ASN C 221 -10.83 -31.65 -15.12
CA ASN C 221 -11.76 -31.63 -16.24
C ASN C 221 -11.68 -30.36 -17.08
N LEU C 222 -11.53 -29.20 -16.45
CA LEU C 222 -11.30 -27.94 -17.18
C LEU C 222 -10.07 -28.10 -18.10
N LEU C 223 -9.02 -28.69 -17.57
CA LEU C 223 -7.79 -28.81 -18.31
C LEU C 223 -7.95 -29.80 -19.46
N LYS C 224 -8.58 -30.95 -19.17
CA LYS C 224 -8.80 -31.95 -20.22
C LYS C 224 -9.67 -31.38 -21.32
N ALA C 225 -10.77 -30.75 -20.94
CA ALA C 225 -11.66 -30.09 -21.88
C ALA C 225 -10.91 -29.10 -22.77
N TRP C 226 -10.08 -28.27 -22.14
CA TRP C 226 -9.29 -27.27 -22.89
C TRP C 226 -8.30 -27.94 -23.87
N ARG C 227 -7.59 -28.96 -23.40
CA ARG C 227 -6.63 -29.69 -24.25
C ARG C 227 -7.33 -30.45 -25.39
N ASP C 228 -8.55 -30.89 -25.13
CA ASP C 228 -9.40 -31.52 -26.16
C ASP C 228 -10.03 -30.49 -27.11
N GLY C 229 -9.66 -29.23 -26.98
CA GLY C 229 -10.25 -28.18 -27.79
C GLY C 229 -11.73 -27.86 -27.53
N ASP C 230 -12.34 -28.49 -26.53
CA ASP C 230 -13.73 -28.13 -26.15
C ASP C 230 -13.72 -27.00 -25.11
N VAL C 231 -13.77 -25.76 -25.60
CA VAL C 231 -13.64 -24.57 -24.76
C VAL C 231 -14.92 -24.30 -23.97
N ALA C 232 -16.08 -24.47 -24.61
CA ALA C 232 -17.35 -24.22 -23.93
C ALA C 232 -17.42 -25.07 -22.66
N LYS C 233 -17.00 -26.33 -22.77
CA LYS C 233 -16.96 -27.22 -21.62
C LYS C 233 -16.03 -26.66 -20.52
N ALA C 234 -14.84 -26.25 -20.92
CA ALA C 234 -13.83 -25.66 -20.04
C ALA C 234 -14.33 -24.43 -19.30
N ALA C 235 -15.01 -23.56 -20.03
CA ALA C 235 -15.64 -22.38 -19.44
C ALA C 235 -16.72 -22.78 -18.43
N GLY C 236 -17.40 -23.89 -18.69
CA GLY C 236 -18.41 -24.42 -17.78
C GLY C 236 -17.82 -24.65 -16.41
N TYR C 237 -16.66 -25.29 -16.39
CA TYR C 237 -15.90 -25.54 -15.15
C TYR C 237 -15.31 -24.27 -14.55
N HIS C 238 -14.82 -23.39 -15.41
CA HIS C 238 -14.32 -22.08 -14.97
C HIS C 238 -15.35 -21.42 -14.10
N GLN C 239 -16.61 -21.49 -14.55
CA GLN C 239 -17.73 -20.88 -13.84
C GLN C 239 -17.86 -21.33 -12.40
N THR C 240 -17.63 -22.60 -12.14
CA THR C 240 -17.60 -23.10 -10.78
C THR C 240 -16.40 -22.58 -10.02
N LEU C 241 -15.24 -22.63 -10.66
CA LEU C 241 -14.01 -22.16 -10.01
C LEU C 241 -14.08 -20.67 -9.71
N LEU C 242 -14.83 -19.94 -10.53
CA LEU C 242 -15.07 -18.53 -10.26
C LEU C 242 -15.76 -18.29 -8.95
N GLN C 243 -16.71 -19.15 -8.60
CA GLN C 243 -17.47 -19.00 -7.35
C GLN C 243 -16.77 -19.57 -6.12
N ILE C 244 -15.94 -20.58 -6.33
CA ILE C 244 -15.39 -21.33 -5.20
C ILE C 244 -14.75 -20.41 -4.17
N PRO C 245 -13.96 -19.41 -4.60
CA PRO C 245 -13.21 -18.63 -3.62
C PRO C 245 -14.02 -17.79 -2.60
N GLN C 246 -15.35 -17.78 -2.67
CA GLN C 246 -16.15 -17.13 -1.57
C GLN C 246 -15.86 -17.74 -0.20
N MET C 247 -15.79 -19.07 -0.12
CA MET C 247 -15.48 -19.75 1.16
C MET C 247 -14.24 -19.24 1.86
N TYR C 248 -13.18 -19.01 1.10
CA TYR C 248 -11.92 -18.66 1.71
C TYR C 248 -12.07 -17.39 2.56
N GLN C 249 -13.18 -16.66 2.37
CA GLN C 249 -13.51 -15.49 3.19
C GLN C 249 -14.05 -15.83 4.57
N LEU C 250 -14.26 -17.11 4.87
CA LEU C 250 -14.80 -17.52 6.15
C LEU C 250 -13.82 -17.47 7.32
N ASP C 251 -12.52 -17.48 7.03
CA ASP C 251 -11.53 -17.31 8.09
C ASP C 251 -10.17 -16.93 7.49
N THR C 252 -9.24 -16.54 8.34
CA THR C 252 -7.87 -16.26 7.90
C THR C 252 -6.90 -16.65 9.01
N PRO C 253 -6.00 -17.61 8.75
CA PRO C 253 -5.86 -18.42 7.55
C PRO C 253 -7.08 -19.28 7.30
N PHE C 254 -7.25 -19.67 6.04
CA PHE C 254 -8.39 -20.50 5.66
C PHE C 254 -7.98 -21.92 5.30
N VAL C 255 -6.93 -22.40 5.96
CA VAL C 255 -6.58 -23.81 5.82
C VAL C 255 -7.65 -24.66 6.50
N ASN C 256 -8.12 -24.23 7.66
CA ASN C 256 -9.25 -24.90 8.28
C ASN C 256 -10.38 -25.14 7.27
N VAL C 257 -10.72 -24.15 6.44
CA VAL C 257 -11.86 -24.25 5.52
C VAL C 257 -11.63 -25.29 4.43
N ILE C 258 -10.41 -25.31 3.91
CA ILE C 258 -10.03 -26.25 2.88
C ILE C 258 -10.18 -27.66 3.46
N LYS C 259 -9.62 -27.89 4.63
CA LYS C 259 -9.67 -29.23 5.19
C LYS C 259 -11.10 -29.63 5.49
N GLU C 260 -11.90 -28.69 5.99
CA GLU C 260 -13.32 -28.94 6.29
C GLU C 260 -14.11 -29.26 5.00
N ALA C 261 -13.72 -28.62 3.91
CA ALA C 261 -14.31 -28.89 2.60
C ALA C 261 -13.94 -30.32 2.14
N ILE C 262 -12.70 -30.74 2.38
CA ILE C 262 -12.25 -32.09 2.03
C ILE C 262 -13.20 -33.10 2.65
N VAL C 263 -13.59 -32.84 3.89
CA VAL C 263 -14.47 -33.74 4.64
C VAL C 263 -15.86 -33.72 4.01
N LEU C 264 -16.44 -32.53 3.91
CA LEU C 264 -17.76 -32.37 3.34
C LEU C 264 -17.87 -32.90 1.92
N CYS C 265 -16.76 -32.98 1.21
CA CYS C 265 -16.82 -33.43 -0.16
C CYS C 265 -16.62 -34.92 -0.27
N GLY C 266 -16.49 -35.59 0.89
CA GLY C 266 -16.54 -37.05 0.95
C GLY C 266 -15.35 -37.78 1.55
N ARG C 267 -14.32 -37.07 1.95
CA ARG C 267 -13.10 -37.72 2.47
C ARG C 267 -12.93 -37.42 3.97
N PRO C 268 -13.32 -38.36 4.85
CA PRO C 268 -13.28 -38.03 6.29
C PRO C 268 -11.85 -38.02 6.79
N VAL C 269 -11.36 -36.85 7.16
CA VAL C 269 -9.99 -36.69 7.66
C VAL C 269 -10.03 -35.73 8.80
N SER C 270 -9.01 -35.80 9.62
CA SER C 270 -8.87 -34.87 10.71
C SER C 270 -8.58 -33.46 10.12
N THR C 271 -9.36 -32.50 10.61
CA THR C 271 -9.24 -31.13 10.14
C THR C 271 -8.36 -30.29 11.07
N HIS C 272 -7.64 -30.90 11.99
CA HIS C 272 -6.81 -30.10 12.89
C HIS C 272 -5.84 -29.28 12.08
N VAL C 273 -5.69 -28.02 12.49
CA VAL C 273 -4.73 -27.09 11.87
C VAL C 273 -3.79 -26.56 12.94
N LEU C 274 -2.63 -26.11 12.52
CA LEU C 274 -1.62 -25.67 13.46
C LEU C 274 -1.84 -24.20 13.80
N PRO C 275 -1.58 -23.83 15.07
CA PRO C 275 -1.63 -22.41 15.43
C PRO C 275 -0.58 -21.59 14.68
N PRO C 276 -0.84 -20.28 14.50
CA PRO C 276 -1.94 -19.48 15.02
C PRO C 276 -3.32 -19.62 14.33
N ALA C 277 -3.47 -20.58 13.43
CA ALA C 277 -4.80 -20.95 12.88
C ALA C 277 -5.64 -21.63 13.96
N SER C 278 -6.94 -21.78 13.72
CA SER C 278 -7.85 -22.40 14.72
C SER C 278 -8.99 -23.15 14.03
N PRO C 279 -9.71 -24.01 14.77
CA PRO C 279 -10.79 -24.73 14.11
C PRO C 279 -11.85 -23.77 13.60
N LEU C 280 -12.53 -24.14 12.53
CA LEU C 280 -13.65 -23.35 12.03
C LEU C 280 -14.87 -23.57 12.91
N ASP C 281 -15.49 -22.50 13.40
CA ASP C 281 -16.70 -22.65 14.22
C ASP C 281 -17.84 -23.34 13.46
N GLU C 282 -18.86 -23.76 14.19
CA GLU C 282 -19.98 -24.52 13.61
C GLU C 282 -20.80 -23.74 12.59
N PRO C 283 -21.25 -22.53 12.95
CA PRO C 283 -21.97 -21.68 12.00
C PRO C 283 -21.29 -21.60 10.64
N ARG C 284 -19.99 -21.34 10.63
CA ARG C 284 -19.29 -21.17 9.37
C ARG C 284 -19.03 -22.50 8.65
N LYS C 285 -18.99 -23.60 9.38
CA LYS C 285 -18.92 -24.92 8.74
C LYS C 285 -20.19 -25.21 7.94
N ALA C 286 -21.33 -24.86 8.51
CA ALA C 286 -22.61 -25.03 7.83
C ALA C 286 -22.73 -24.10 6.61
N GLN C 287 -22.13 -22.92 6.69
CA GLN C 287 -22.15 -21.96 5.54
C GLN C 287 -21.34 -22.53 4.39
N LEU C 288 -20.20 -23.13 4.74
CA LEU C 288 -19.36 -23.82 3.79
C LEU C 288 -20.17 -24.90 3.10
N LYS C 289 -20.86 -25.67 3.91
CA LYS C 289 -21.66 -26.77 3.39
C LYS C 289 -22.68 -26.26 2.36
N THR C 290 -23.37 -25.18 2.69
CA THR C 290 -24.40 -24.65 1.81
C THR C 290 -23.75 -24.25 0.50
N LEU C 291 -22.55 -23.67 0.61
CA LEU C 291 -21.80 -23.22 -0.56
C LEU C 291 -21.40 -24.36 -1.46
N LEU C 292 -20.83 -25.39 -0.87
CA LEU C 292 -20.47 -26.57 -1.63
C LEU C 292 -21.69 -27.22 -2.29
N GLN C 293 -22.83 -27.19 -1.61
CA GLN C 293 -24.08 -27.71 -2.17
C GLN C 293 -24.60 -26.91 -3.37
N GLN C 294 -24.71 -25.60 -3.21
CA GLN C 294 -25.07 -24.69 -4.31
C GLN C 294 -24.22 -24.95 -5.56
N LEU C 295 -22.93 -25.16 -5.40
CA LEU C 295 -22.03 -25.37 -6.54
C LEU C 295 -22.01 -26.82 -7.02
N LYS C 296 -22.75 -27.70 -6.36
CA LYS C 296 -22.90 -29.12 -6.74
C LYS C 296 -21.56 -29.86 -6.60
N LEU C 297 -20.91 -29.68 -5.46
CA LEU C 297 -19.65 -30.35 -5.16
C LEU C 297 -19.74 -31.35 -4.00
N CYS C 298 -20.95 -31.59 -3.48
CA CYS C 298 -21.13 -32.58 -2.42
C CYS C 298 -22.57 -33.05 -2.32
N ALA D 1 6.66 0.48 36.03
CA ALA D 1 6.90 0.29 34.56
C ALA D 1 8.18 -0.49 34.27
N LEU D 2 8.04 -1.59 33.55
CA LEU D 2 9.15 -2.51 33.29
C LEU D 2 9.80 -2.23 31.95
N PHE D 3 11.12 -2.39 31.90
CA PHE D 3 11.88 -2.31 30.65
C PHE D 3 11.83 -0.93 29.98
N THR D 4 12.00 0.10 30.79
CA THR D 4 12.06 1.46 30.27
C THR D 4 13.51 1.79 29.92
N GLY D 5 13.71 2.95 29.30
CA GLY D 5 15.06 3.48 29.03
C GLY D 5 15.66 2.94 27.75
N ILE D 6 16.99 2.82 27.75
CA ILE D 6 17.75 2.42 26.54
C ILE D 6 18.14 0.93 26.56
N ILE D 7 17.46 0.14 25.74
CA ILE D 7 17.65 -1.32 25.70
C ILE D 7 17.98 -1.74 24.29
N PRO D 8 19.27 -1.83 23.95
CA PRO D 8 19.67 -2.15 22.60
C PRO D 8 19.23 -3.51 22.08
N PRO D 9 18.92 -3.60 20.77
CA PRO D 9 18.71 -4.86 20.11
C PRO D 9 20.07 -5.38 19.74
N VAL D 10 20.63 -6.13 20.67
CA VAL D 10 22.01 -6.58 20.57
C VAL D 10 22.21 -7.44 19.35
N SER D 11 23.32 -7.16 18.66
CA SER D 11 23.76 -7.94 17.53
C SER D 11 24.30 -9.29 17.98
N THR D 12 23.94 -10.35 17.28
CA THR D 12 24.52 -11.66 17.52
C THR D 12 25.79 -11.79 16.69
N ILE D 13 26.95 -11.97 17.34
CA ILE D 13 28.22 -12.09 16.64
C ILE D 13 28.46 -13.52 16.21
N PHE D 14 28.81 -13.70 14.94
CA PHE D 14 29.07 -15.02 14.36
C PHE D 14 30.50 -15.13 13.84
N THR D 15 30.99 -16.36 13.81
CA THR D 15 32.30 -16.65 13.23
C THR D 15 32.17 -16.72 11.73
N ALA D 16 33.28 -16.90 11.02
CA ALA D 16 33.29 -16.98 9.57
C ALA D 16 32.56 -18.21 9.05
N ASP D 17 32.50 -19.27 9.86
CA ASP D 17 31.78 -20.48 9.51
C ASP D 17 30.34 -20.50 10.06
N GLY D 18 29.86 -19.39 10.63
CA GLY D 18 28.43 -19.19 10.99
C GLY D 18 27.99 -19.64 12.38
N GLN D 19 28.94 -19.89 13.27
CA GLN D 19 28.58 -20.32 14.62
C GLN D 19 28.59 -19.14 15.55
N LEU D 20 28.01 -19.31 16.72
CA LEU D 20 28.02 -18.25 17.72
C LEU D 20 29.45 -17.91 18.11
N ASP D 21 29.83 -16.65 17.93
CA ASP D 21 31.13 -16.13 18.36
C ASP D 21 31.00 -15.67 19.81
N LYS D 22 31.24 -16.59 20.75
CA LYS D 22 31.04 -16.30 22.19
C LYS D 22 31.96 -15.21 22.77
N PRO D 23 33.29 -15.33 22.54
CA PRO D 23 34.15 -14.22 22.95
C PRO D 23 33.65 -12.87 22.47
N GLY D 24 33.30 -12.79 21.18
CA GLY D 24 32.90 -11.53 20.54
C GLY D 24 31.56 -11.00 20.98
N THR D 25 30.53 -11.85 21.03
CA THR D 25 29.22 -11.43 21.56
C THR D 25 29.28 -11.03 23.03
N ALA D 26 30.17 -11.68 23.78
CA ALA D 26 30.38 -11.36 25.21
C ALA D 26 31.06 -10.00 25.38
N ALA D 27 32.09 -9.78 24.57
CA ALA D 27 32.76 -8.48 24.51
C ALA D 27 31.75 -7.36 24.24
N LEU D 28 30.80 -7.64 23.34
CA LEU D 28 29.84 -6.64 22.92
C LEU D 28 28.89 -6.32 24.05
N ILE D 29 28.35 -7.37 24.66
CA ILE D 29 27.49 -7.23 25.84
C ILE D 29 28.16 -6.36 26.88
N ASP D 30 29.44 -6.62 27.12
CA ASP D 30 30.18 -5.95 28.19
C ASP D 30 30.37 -4.46 27.93
N ASP D 31 30.69 -4.09 26.68
CA ASP D 31 30.75 -2.66 26.28
C ASP D 31 29.42 -1.95 26.60
N LEU D 32 28.33 -2.57 26.16
CA LEU D 32 26.98 -2.00 26.27
C LEU D 32 26.53 -1.81 27.71
N ILE D 33 26.82 -2.80 28.56
CA ILE D 33 26.52 -2.70 30.00
C ILE D 33 27.32 -1.55 30.57
N LYS D 34 28.62 -1.54 30.25
CA LYS D 34 29.55 -0.50 30.68
C LYS D 34 29.10 0.88 30.28
N ALA D 35 28.37 0.96 29.17
CA ALA D 35 27.93 2.23 28.63
C ALA D 35 26.73 2.84 29.36
N GLY D 36 26.10 2.07 30.24
CA GLY D 36 24.98 2.58 31.05
C GLY D 36 23.59 2.25 30.53
N VAL D 37 23.46 1.21 29.72
CA VAL D 37 22.16 0.83 29.18
C VAL D 37 21.29 0.22 30.27
N ASP D 38 19.99 0.28 30.05
CA ASP D 38 19.00 -0.10 31.04
C ASP D 38 18.50 -1.55 30.90
N GLY D 39 18.96 -2.22 29.86
CA GLY D 39 18.63 -3.63 29.58
C GLY D 39 19.30 -4.10 28.29
N LEU D 40 19.07 -5.35 27.90
CA LEU D 40 19.52 -5.85 26.60
C LEU D 40 18.51 -6.81 25.98
N PHE D 41 18.34 -6.68 24.67
CA PHE D 41 17.38 -7.45 23.91
C PHE D 41 18.10 -8.27 22.87
N PHE D 42 18.14 -9.57 23.11
CA PHE D 42 18.80 -10.56 22.23
C PHE D 42 17.77 -11.21 21.32
N LEU D 43 18.20 -11.50 20.09
CA LEU D 43 17.35 -12.20 19.10
C LEU D 43 16.15 -11.38 18.69
N GLY D 44 16.39 -10.09 18.49
CA GLY D 44 15.47 -9.21 17.77
C GLY D 44 15.75 -9.27 16.28
N SER D 45 15.27 -8.31 15.52
CA SER D 45 15.54 -8.29 14.09
C SER D 45 17.03 -8.19 13.87
N GLY D 46 17.66 -7.21 14.51
CA GLY D 46 19.13 -7.01 14.38
C GLY D 46 20.00 -8.14 14.94
N GLY D 47 19.38 -8.94 15.82
CA GLY D 47 19.97 -10.18 16.30
C GLY D 47 19.87 -11.33 15.29
N GLU D 48 19.05 -11.14 14.26
CA GLU D 48 18.92 -12.08 13.14
C GLU D 48 18.13 -13.32 13.52
N PHE D 49 17.12 -13.14 14.34
CA PHE D 49 16.31 -14.28 14.79
C PHE D 49 15.75 -15.04 13.57
N SER D 50 15.36 -14.32 12.52
CA SER D 50 14.68 -14.91 11.36
C SER D 50 15.60 -15.71 10.45
N GLN D 51 16.89 -15.72 10.75
CA GLN D 51 17.85 -16.55 10.02
C GLN D 51 18.48 -17.67 10.84
N LEU D 52 17.92 -17.91 12.02
CA LEU D 52 18.41 -18.94 12.92
C LEU D 52 17.34 -19.98 13.18
N GLY D 53 17.75 -21.23 13.33
CA GLY D 53 16.83 -22.28 13.69
C GLY D 53 16.53 -22.23 15.17
N ALA D 54 15.44 -22.88 15.54
CA ALA D 54 15.01 -22.99 16.93
C ALA D 54 16.13 -23.28 17.93
N GLU D 55 16.84 -24.36 17.68
CA GLU D 55 17.90 -24.84 18.59
C GLU D 55 19.03 -23.83 18.74
N GLU D 56 19.40 -23.22 17.61
CA GLU D 56 20.42 -22.17 17.60
C GLU D 56 19.99 -21.00 18.48
N ARG D 57 18.73 -20.60 18.34
CA ARG D 57 18.19 -19.47 19.10
C ARG D 57 18.13 -19.77 20.58
N LYS D 58 17.85 -21.02 20.93
CA LYS D 58 17.90 -21.45 22.34
C LYS D 58 19.30 -21.27 22.91
N ALA D 59 20.28 -21.71 22.12
CA ALA D 59 21.68 -21.68 22.51
C ALA D 59 22.22 -20.26 22.70
N ILE D 60 21.81 -19.36 21.80
CA ILE D 60 22.23 -17.96 21.86
C ILE D 60 21.61 -17.28 23.07
N ALA D 61 20.38 -17.63 23.36
CA ALA D 61 19.68 -17.02 24.45
C ALA D 61 20.34 -17.41 25.78
N ARG D 62 20.61 -18.71 25.95
CA ARG D 62 21.15 -19.25 27.22
C ARG D 62 22.53 -18.69 27.46
N PHE D 63 23.34 -18.63 26.40
CA PHE D 63 24.64 -18.02 26.51
C PHE D 63 24.52 -16.56 26.98
N ALA D 64 23.72 -15.80 26.23
CA ALA D 64 23.54 -14.36 26.48
C ALA D 64 23.08 -14.11 27.91
N ILE D 65 22.07 -14.86 28.34
CA ILE D 65 21.50 -14.67 29.68
C ILE D 65 22.60 -14.93 30.69
N ASP D 66 23.27 -16.07 30.55
CA ASP D 66 24.38 -16.47 31.43
C ASP D 66 25.48 -15.42 31.48
N HIS D 67 25.91 -14.91 30.32
CA HIS D 67 26.98 -13.92 30.33
C HIS D 67 26.60 -12.61 30.97
N VAL D 68 25.34 -12.21 30.82
CA VAL D 68 24.86 -10.96 31.44
C VAL D 68 24.89 -11.13 32.95
N ASP D 69 24.59 -12.36 33.39
CA ASP D 69 24.61 -12.73 34.80
C ASP D 69 23.85 -11.73 35.68
N ARG D 70 22.67 -11.33 35.21
CA ARG D 70 21.74 -10.50 35.98
C ARG D 70 22.14 -9.01 36.19
N ARG D 71 23.27 -8.60 35.63
CA ARG D 71 23.76 -7.20 35.76
C ARG D 71 22.76 -6.15 35.30
N VAL D 72 22.06 -6.45 34.21
CA VAL D 72 20.92 -5.63 33.73
C VAL D 72 19.80 -6.58 33.34
N PRO D 73 18.58 -6.05 33.11
CA PRO D 73 17.50 -6.91 32.59
C PRO D 73 17.77 -7.43 31.17
N VAL D 74 17.38 -8.67 30.95
CA VAL D 74 17.57 -9.30 29.66
C VAL D 74 16.22 -9.68 29.06
N LEU D 75 16.02 -9.29 27.78
CA LEU D 75 14.85 -9.66 26.99
C LEU D 75 15.24 -10.63 25.88
N ILE D 76 14.42 -11.64 25.65
CA ILE D 76 14.68 -12.57 24.57
C ILE D 76 13.53 -12.52 23.55
N GLY D 77 13.90 -12.29 22.29
CA GLY D 77 12.94 -12.29 21.18
C GLY D 77 12.65 -13.71 20.74
N THR D 78 11.41 -14.14 20.94
CA THR D 78 11.01 -15.54 20.75
C THR D 78 10.02 -15.73 19.62
N GLY D 79 9.76 -14.66 18.89
CA GLY D 79 8.73 -14.66 17.85
C GLY D 79 9.09 -15.40 16.57
N GLY D 80 8.10 -15.51 15.70
CA GLY D 80 8.25 -16.16 14.39
C GLY D 80 6.86 -16.44 13.89
N THR D 81 6.76 -17.34 12.90
CA THR D 81 5.46 -17.72 12.28
C THR D 81 4.85 -19.02 12.86
N ASN D 82 5.73 -19.83 13.42
CA ASN D 82 5.40 -21.10 14.00
C ASN D 82 5.02 -20.93 15.49
N ALA D 83 3.73 -20.80 15.76
CA ALA D 83 3.26 -20.52 17.11
C ALA D 83 3.76 -21.51 18.16
N ARG D 84 3.73 -22.79 17.84
CA ARG D 84 4.17 -23.82 18.79
C ARG D 84 5.63 -23.62 19.17
N GLU D 85 6.41 -23.24 18.17
CA GLU D 85 7.83 -22.91 18.38
C GLU D 85 8.02 -21.64 19.20
N THR D 86 7.08 -20.72 19.08
CA THR D 86 7.12 -19.48 19.84
C THR D 86 6.94 -19.79 21.31
N ILE D 87 6.11 -20.79 21.61
CA ILE D 87 5.91 -21.22 22.99
C ILE D 87 7.14 -21.97 23.52
N GLU D 88 7.67 -22.89 22.72
CA GLU D 88 8.89 -23.62 23.11
C GLU D 88 9.95 -22.61 23.53
N LEU D 89 10.26 -21.69 22.64
CA LEU D 89 11.31 -20.70 22.87
C LEU D 89 11.03 -19.77 24.04
N SER D 90 9.79 -19.30 24.15
CA SER D 90 9.40 -18.39 25.23
C SER D 90 9.53 -19.05 26.60
N GLN D 91 9.12 -20.31 26.69
CA GLN D 91 9.24 -21.12 27.89
C GLN D 91 10.69 -21.40 28.23
N HIS D 92 11.44 -21.76 27.20
CA HIS D 92 12.86 -21.99 27.34
C HIS D 92 13.53 -20.73 27.86
N ALA D 93 13.06 -19.57 27.40
CA ALA D 93 13.66 -18.30 27.81
C ALA D 93 13.50 -18.07 29.29
N GLN D 94 12.34 -18.46 29.79
CA GLN D 94 12.03 -18.35 31.23
C GLN D 94 12.92 -19.23 32.05
N GLN D 95 12.96 -20.51 31.70
CA GLN D 95 13.74 -21.44 32.47
C GLN D 95 15.24 -21.14 32.37
N ALA D 96 15.66 -20.57 31.25
CA ALA D 96 17.05 -20.15 31.09
C ALA D 96 17.38 -18.89 31.90
N GLY D 97 16.38 -18.23 32.48
CA GLY D 97 16.63 -17.09 33.36
C GLY D 97 16.39 -15.71 32.78
N ALA D 98 15.64 -15.61 31.70
CA ALA D 98 15.41 -14.31 31.08
C ALA D 98 14.38 -13.53 31.87
N ASP D 99 14.48 -12.21 31.79
CA ASP D 99 13.61 -11.31 32.55
C ASP D 99 12.28 -11.01 31.85
N GLY D 100 12.25 -11.25 30.54
CA GLY D 100 11.02 -11.15 29.79
C GLY D 100 11.23 -11.58 28.36
N ILE D 101 10.16 -11.62 27.58
CA ILE D 101 10.25 -11.96 26.17
C ILE D 101 9.68 -10.87 25.27
N VAL D 102 10.11 -10.90 24.02
CA VAL D 102 9.65 -9.94 23.00
C VAL D 102 9.04 -10.69 21.81
N VAL D 103 7.77 -10.42 21.55
CA VAL D 103 7.02 -11.24 20.62
C VAL D 103 6.43 -10.39 19.49
N ILE D 104 6.97 -10.59 18.29
CA ILE D 104 6.38 -10.00 17.08
C ILE D 104 5.16 -10.79 16.61
N ASN D 105 4.29 -10.09 15.91
CA ASN D 105 3.13 -10.74 15.32
C ASN D 105 3.58 -11.68 14.17
N PRO D 106 2.91 -12.84 14.00
CA PRO D 106 3.19 -13.73 12.88
C PRO D 106 3.12 -12.96 11.57
N TYR D 107 4.18 -13.11 10.79
CA TYR D 107 4.47 -12.19 9.69
C TYR D 107 4.36 -12.84 8.32
N TYR D 108 4.19 -14.16 8.23
CA TYR D 108 3.85 -14.77 6.94
C TYR D 108 2.37 -14.51 6.65
N TRP D 109 1.47 -15.35 7.19
CA TRP D 109 0.05 -15.07 7.08
C TRP D 109 -0.25 -13.85 7.93
N LYS D 110 -1.03 -12.92 7.37
CA LYS D 110 -1.61 -11.82 8.19
C LYS D 110 -2.93 -12.35 8.74
N VAL D 111 -2.86 -12.69 10.00
CA VAL D 111 -3.82 -13.58 10.64
C VAL D 111 -5.03 -12.76 11.05
N SER D 112 -6.22 -13.37 11.09
CA SER D 112 -7.46 -12.67 11.51
C SER D 112 -7.31 -12.03 12.87
N GLU D 113 -8.12 -11.00 13.15
CA GLU D 113 -8.01 -10.30 14.43
C GLU D 113 -8.21 -11.28 15.59
N ALA D 114 -9.29 -12.06 15.51
CA ALA D 114 -9.57 -13.07 16.54
C ALA D 114 -8.37 -14.00 16.74
N ASN D 115 -7.81 -14.49 15.63
CA ASN D 115 -6.67 -15.39 15.70
C ASN D 115 -5.44 -14.74 16.30
N LEU D 116 -5.28 -13.46 15.99
CA LEU D 116 -4.11 -12.71 16.43
C LEU D 116 -4.13 -12.50 17.94
N ILE D 117 -5.31 -12.11 18.44
CA ILE D 117 -5.48 -11.95 19.87
C ILE D 117 -5.28 -13.29 20.58
N ARG D 118 -5.86 -14.33 20.02
CA ARG D 118 -5.73 -15.68 20.58
CA ARG D 118 -5.71 -15.71 20.52
C ARG D 118 -4.25 -16.12 20.59
N TYR D 119 -3.50 -15.77 19.55
CA TYR D 119 -2.08 -16.11 19.51
C TYR D 119 -1.33 -15.48 20.66
N PHE D 120 -1.38 -14.15 20.72
CA PHE D 120 -0.74 -13.40 21.80
C PHE D 120 -1.19 -13.81 23.21
N GLU D 121 -2.48 -14.10 23.39
CA GLU D 121 -2.97 -14.59 24.68
C GLU D 121 -2.26 -15.91 25.00
N GLN D 122 -2.29 -16.83 24.05
CA GLN D 122 -1.69 -18.15 24.27
C GLN D 122 -0.24 -18.09 24.67
N VAL D 123 0.53 -17.22 24.04
CA VAL D 123 1.97 -17.18 24.34
C VAL D 123 2.16 -16.54 25.73
N ALA D 124 1.43 -15.46 25.98
CA ALA D 124 1.44 -14.79 27.29
C ALA D 124 1.06 -15.72 28.41
N ASP D 125 0.16 -16.67 28.15
CA ASP D 125 -0.20 -17.69 29.17
C ASP D 125 0.85 -18.76 29.36
N SER D 126 1.64 -19.04 28.31
CA SER D 126 2.61 -20.11 28.38
C SER D 126 3.80 -19.78 29.26
N VAL D 127 3.88 -18.54 29.74
CA VAL D 127 4.96 -18.08 30.63
C VAL D 127 4.41 -17.18 31.74
N THR D 128 5.13 -17.09 32.86
CA THR D 128 4.89 -16.10 33.93
C THR D 128 5.72 -14.83 33.80
N LEU D 129 6.53 -14.78 32.75
CA LEU D 129 7.33 -13.63 32.45
C LEU D 129 6.53 -12.47 31.91
N PRO D 130 7.06 -11.23 32.06
CA PRO D 130 6.60 -10.09 31.27
C PRO D 130 6.72 -10.36 29.79
N VAL D 131 5.72 -9.89 29.05
CA VAL D 131 5.68 -10.02 27.60
C VAL D 131 5.65 -8.62 27.02
N MET D 132 6.59 -8.41 26.10
CA MET D 132 6.72 -7.17 25.41
C MET D 132 6.38 -7.43 23.94
N LEU D 133 5.35 -6.73 23.46
CA LEU D 133 4.93 -6.84 22.05
C LEU D 133 5.92 -6.16 21.13
N TYR D 134 5.86 -6.52 19.85
CA TYR D 134 6.80 -6.00 18.88
C TYR D 134 6.08 -5.75 17.56
N ASN D 135 5.94 -4.47 17.21
CA ASN D 135 5.28 -4.02 15.99
C ASN D 135 6.30 -3.61 14.98
N PHE D 136 6.16 -4.07 13.74
CA PHE D 136 7.10 -3.68 12.68
C PHE D 136 6.43 -3.88 11.33
N PRO D 137 5.41 -3.05 11.05
CA PRO D 137 4.48 -3.27 9.92
C PRO D 137 5.17 -3.21 8.56
N ALA D 138 6.23 -2.43 8.48
CA ALA D 138 7.06 -2.37 7.27
C ALA D 138 7.49 -3.78 6.84
N LEU D 139 7.84 -4.61 7.82
CA LEU D 139 8.20 -6.01 7.53
C LEU D 139 7.03 -6.99 7.68
N THR D 140 6.21 -6.85 8.72
CA THR D 140 5.15 -7.82 8.98
C THR D 140 3.99 -7.72 7.99
N GLY D 141 3.73 -6.51 7.52
CA GLY D 141 2.55 -6.25 6.69
C GLY D 141 1.24 -6.35 7.48
N GLN D 142 1.33 -6.26 8.79
CA GLN D 142 0.16 -6.20 9.64
C GLN D 142 0.51 -5.37 10.87
N ASP D 143 -0.16 -4.23 10.99
CA ASP D 143 0.11 -3.29 12.06
C ASP D 143 -0.61 -3.72 13.36
N LEU D 144 0.10 -3.61 14.47
CA LEU D 144 -0.49 -3.74 15.80
C LEU D 144 -1.04 -2.41 16.20
N THR D 145 -2.31 -2.17 15.90
CA THR D 145 -2.93 -0.83 16.16
C THR D 145 -2.98 -0.56 17.64
N PRO D 146 -2.96 0.72 18.04
CA PRO D 146 -3.11 1.05 19.46
C PRO D 146 -4.39 0.48 20.08
N ALA D 147 -5.46 0.38 19.30
CA ALA D 147 -6.71 -0.24 19.77
C ALA D 147 -6.46 -1.68 20.17
N LEU D 148 -5.80 -2.40 19.27
CA LEU D 148 -5.55 -3.82 19.46
C LEU D 148 -4.61 -4.05 20.63
N VAL D 149 -3.63 -3.17 20.76
CA VAL D 149 -2.65 -3.28 21.84
C VAL D 149 -3.30 -2.96 23.17
N LYS D 150 -4.23 -2.03 23.18
CA LYS D 150 -5.01 -1.78 24.40
C LYS D 150 -5.81 -3.01 24.79
N THR D 151 -6.46 -3.61 23.80
CA THR D 151 -7.23 -4.84 23.98
C THR D 151 -6.36 -5.93 24.60
N LEU D 152 -5.14 -6.06 24.11
CA LEU D 152 -4.22 -7.11 24.60
C LEU D 152 -3.74 -6.84 26.03
N ALA D 153 -3.48 -5.59 26.35
CA ALA D 153 -3.05 -5.22 27.70
C ALA D 153 -4.21 -5.42 28.69
N ASP D 154 -5.42 -5.12 28.24
CA ASP D 154 -6.64 -5.36 29.03
C ASP D 154 -6.78 -6.85 29.30
N SER D 155 -6.40 -7.66 28.32
CA SER D 155 -6.67 -9.09 28.36
C SER D 155 -5.72 -9.85 29.24
N ARG D 156 -4.45 -9.47 29.26
CA ARG D 156 -3.44 -10.24 30.01
C ARG D 156 -2.49 -9.36 30.77
N SER D 157 -2.41 -9.58 32.08
CA SER D 157 -1.73 -8.65 32.96
C SER D 157 -0.22 -8.65 32.74
N ASN D 158 0.30 -9.70 32.13
CA ASN D 158 1.74 -9.75 31.82
C ASN D 158 2.12 -9.22 30.43
N ILE D 159 1.15 -8.75 29.64
CA ILE D 159 1.46 -7.99 28.42
C ILE D 159 1.60 -6.53 28.84
N ILE D 160 2.85 -6.11 29.01
CA ILE D 160 3.17 -4.92 29.77
C ILE D 160 3.97 -3.89 28.98
N GLY D 161 4.20 -4.14 27.70
CA GLY D 161 4.82 -3.12 26.85
C GLY D 161 4.84 -3.42 25.35
N ILE D 162 5.50 -2.53 24.59
CA ILE D 162 5.66 -2.66 23.15
C ILE D 162 6.87 -1.91 22.55
N LYS D 163 7.56 -2.55 21.61
CA LYS D 163 8.56 -1.92 20.78
C LYS D 163 7.87 -1.53 19.50
N ASP D 164 7.65 -0.23 19.28
CA ASP D 164 6.95 0.23 18.06
C ASP D 164 7.97 0.67 16.99
N THR D 165 8.25 -0.24 16.08
CA THR D 165 9.20 0.03 15.01
C THR D 165 8.43 0.57 13.78
N ILE D 166 8.34 1.90 13.71
CA ILE D 166 7.64 2.61 12.63
C ILE D 166 8.10 4.06 12.57
N ASP D 167 8.34 4.58 11.36
CA ASP D 167 8.71 5.99 11.17
C ASP D 167 7.43 6.83 11.13
N SER D 168 6.77 6.95 12.29
CA SER D 168 5.52 7.72 12.41
C SER D 168 5.29 8.31 13.82
N VAL D 169 5.26 9.62 13.92
CA VAL D 169 4.96 10.27 15.18
C VAL D 169 3.53 9.93 15.59
N ALA D 170 2.62 9.94 14.62
CA ALA D 170 1.19 9.71 14.89
C ALA D 170 0.99 8.37 15.57
N HIS D 171 1.64 7.34 15.05
CA HIS D 171 1.48 5.99 15.58
C HIS D 171 1.98 5.92 17.01
N LEU D 172 3.14 6.54 17.27
CA LEU D 172 3.69 6.54 18.61
C LEU D 172 2.87 7.39 19.58
N ARG D 173 2.35 8.50 19.08
CA ARG D 173 1.53 9.37 19.89
C ARG D 173 0.23 8.65 20.26
N SER D 174 -0.36 7.99 19.27
CA SER D 174 -1.61 7.29 19.47
C SER D 174 -1.43 6.06 20.37
N MET D 175 -0.28 5.41 20.23
CA MET D 175 0.03 4.24 21.05
C MET D 175 0.10 4.68 22.50
N ILE D 176 0.72 5.82 22.73
CA ILE D 176 0.81 6.33 24.09
C ILE D 176 -0.56 6.73 24.63
N HIS D 177 -1.29 7.60 23.94
CA HIS D 177 -2.59 8.02 24.48
C HIS D 177 -3.56 6.88 24.72
N THR D 178 -3.63 5.94 23.77
CA THR D 178 -4.62 4.85 23.84
C THR D 178 -4.25 3.82 24.89
N VAL D 179 -3.01 3.40 24.90
CA VAL D 179 -2.62 2.29 25.75
C VAL D 179 -2.22 2.79 27.13
N LYS D 180 -1.24 3.69 27.19
CA LYS D 180 -0.83 4.30 28.48
C LYS D 180 -1.99 5.06 29.15
N GLY D 181 -2.85 5.66 28.32
CA GLY D 181 -4.08 6.28 28.80
C GLY D 181 -4.90 5.33 29.66
N ALA D 182 -4.93 4.05 29.27
CA ALA D 182 -5.65 3.03 30.05
C ALA D 182 -4.76 2.30 31.05
N HIS D 183 -3.46 2.22 30.77
CA HIS D 183 -2.50 1.49 31.62
C HIS D 183 -1.23 2.32 31.79
N PRO D 184 -1.21 3.23 32.77
CA PRO D 184 -0.07 4.15 32.92
C PRO D 184 1.33 3.52 32.94
N HIS D 185 1.46 2.31 33.49
CA HIS D 185 2.78 1.67 33.59
C HIS D 185 3.10 0.72 32.43
N PHE D 186 2.25 0.72 31.40
CA PHE D 186 2.55 0.02 30.15
C PHE D 186 3.73 0.72 29.50
N THR D 187 4.74 -0.04 29.13
CA THR D 187 5.90 0.54 28.51
C THR D 187 5.70 0.75 27.00
N VAL D 188 6.11 1.91 26.50
CA VAL D 188 6.20 2.08 25.04
C VAL D 188 7.59 2.64 24.67
N LEU D 189 8.29 1.82 23.89
CA LEU D 189 9.63 2.06 23.39
C LEU D 189 9.52 2.16 21.89
N CYS D 190 10.37 2.97 21.29
CA CYS D 190 10.39 3.10 19.85
C CYS D 190 11.51 2.28 19.26
N GLY D 191 11.36 1.89 18.00
CA GLY D 191 12.29 0.95 17.36
C GLY D 191 13.36 1.64 16.54
N TYR D 192 13.23 2.96 16.35
CA TYR D 192 14.15 3.73 15.52
C TYR D 192 14.85 4.81 16.35
N ASP D 193 16.13 4.98 16.06
CA ASP D 193 16.98 5.96 16.75
C ASP D 193 16.40 7.37 16.71
N ASP D 194 15.84 7.75 15.58
CA ASP D 194 15.43 9.16 15.35
C ASP D 194 14.10 9.52 16.02
N HIS D 195 13.52 8.55 16.72
CA HIS D 195 12.25 8.78 17.41
C HIS D 195 12.37 8.76 18.94
N LEU D 196 13.53 8.40 19.44
CA LEU D 196 13.72 8.36 20.88
C LEU D 196 13.28 9.68 21.54
N PHE D 197 13.77 10.80 21.00
CA PHE D 197 13.51 12.11 21.61
C PHE D 197 12.00 12.36 21.69
N ASN D 198 11.34 12.32 20.53
CA ASN D 198 9.88 12.53 20.47
C ASN D 198 9.14 11.56 21.35
N THR D 199 9.58 10.30 21.36
CA THR D 199 8.95 9.25 22.16
C THR D 199 8.96 9.63 23.65
N LEU D 200 10.03 10.27 24.10
CA LEU D 200 10.12 10.77 25.47
C LEU D 200 9.18 11.95 25.72
N LEU D 201 9.23 12.92 24.81
CA LEU D 201 8.41 14.12 24.96
C LEU D 201 6.93 13.88 24.85
N LEU D 202 6.57 12.73 24.31
CA LEU D 202 5.18 12.30 24.20
C LEU D 202 4.74 11.55 25.45
N GLY D 203 5.67 11.29 26.36
CA GLY D 203 5.38 10.52 27.56
C GLY D 203 5.54 9.02 27.36
N GLY D 204 6.39 8.66 26.42
CA GLY D 204 6.79 7.27 26.23
C GLY D 204 8.05 7.04 27.05
N ASP D 205 8.70 5.91 26.83
CA ASP D 205 9.62 5.35 27.82
C ASP D 205 11.02 5.03 27.38
N GLY D 206 11.31 5.04 26.09
CA GLY D 206 12.66 4.78 25.67
C GLY D 206 12.76 4.21 24.30
N ALA D 207 13.85 3.53 24.03
CA ALA D 207 14.09 2.98 22.69
C ALA D 207 14.90 1.69 22.71
N ILE D 208 14.53 0.82 21.79
CA ILE D 208 15.31 -0.33 21.42
C ILE D 208 15.59 -0.03 19.99
N SER D 209 16.77 0.53 19.71
CA SER D 209 17.16 0.83 18.33
C SER D 209 18.60 0.47 18.02
N ALA D 210 18.90 0.35 16.73
CA ALA D 210 20.18 -0.21 16.28
C ALA D 210 21.40 0.54 16.79
N SER D 211 21.32 1.87 16.90
CA SER D 211 22.49 2.69 17.31
C SER D 211 22.97 2.36 18.73
N GLY D 212 22.18 1.59 19.46
CA GLY D 212 22.60 1.06 20.76
C GLY D 212 23.85 0.18 20.69
N ASN D 213 24.02 -0.52 19.56
CA ASN D 213 25.14 -1.44 19.41
C ASN D 213 26.50 -0.75 19.26
N PHE D 214 26.53 0.40 18.59
CA PHE D 214 27.80 1.05 18.27
C PHE D 214 27.96 2.46 18.80
N ALA D 215 26.87 3.08 19.21
CA ALA D 215 26.89 4.42 19.80
C ALA D 215 25.83 4.47 20.90
N PRO D 216 25.96 3.59 21.89
CA PRO D 216 25.01 3.52 22.98
C PRO D 216 25.05 4.76 23.86
N GLN D 217 26.20 5.42 23.92
CA GLN D 217 26.36 6.59 24.78
C GLN D 217 25.39 7.69 24.40
N VAL D 218 25.13 7.82 23.09
CA VAL D 218 24.32 8.96 22.61
C VAL D 218 22.92 8.86 23.19
N SER D 219 22.35 7.65 23.14
CA SER D 219 20.98 7.41 23.59
C SER D 219 20.94 7.41 25.13
N VAL D 220 21.92 6.77 25.75
CA VAL D 220 22.06 6.77 27.21
C VAL D 220 22.13 8.20 27.74
N ASN D 221 23.01 9.00 27.14
CA ASN D 221 23.18 10.41 27.53
C ASN D 221 21.97 11.27 27.25
N LEU D 222 21.31 11.05 26.11
CA LEU D 222 20.05 11.74 25.81
C LEU D 222 19.07 11.48 26.95
N LEU D 223 19.03 10.23 27.40
CA LEU D 223 18.05 9.83 28.41
C LEU D 223 18.40 10.42 29.77
N LYS D 224 19.67 10.36 30.15
CA LYS D 224 20.08 11.00 31.43
C LYS D 224 19.86 12.50 31.41
N ALA D 225 20.26 13.15 30.31
CA ALA D 225 20.00 14.58 30.13
C ALA D 225 18.52 14.92 30.31
N TRP D 226 17.66 14.16 29.65
CA TRP D 226 16.22 14.40 29.72
C TRP D 226 15.70 14.19 31.14
N ARG D 227 16.13 13.11 31.79
CA ARG D 227 15.70 12.83 33.18
C ARG D 227 16.22 13.90 34.16
N ASP D 228 17.39 14.47 33.86
CA ASP D 228 17.98 15.56 34.66
C ASP D 228 17.32 16.89 34.33
N GLY D 229 16.28 16.89 33.51
CA GLY D 229 15.64 18.14 33.07
C GLY D 229 16.46 19.06 32.17
N ASP D 230 17.65 18.62 31.73
CA ASP D 230 18.41 19.41 30.77
C ASP D 230 18.01 19.01 29.36
N VAL D 231 17.03 19.73 28.82
CA VAL D 231 16.44 19.40 27.51
C VAL D 231 17.35 19.80 26.35
N ALA D 232 17.97 20.98 26.45
CA ALA D 232 18.86 21.44 25.38
C ALA D 232 19.94 20.39 25.14
N LYS D 233 20.48 19.83 26.22
CA LYS D 233 21.48 18.78 26.15
C LYS D 233 20.94 17.56 25.38
N ALA D 234 19.74 17.13 25.78
CA ALA D 234 19.04 16.00 25.17
C ALA D 234 18.80 16.18 23.65
N ALA D 235 18.40 17.38 23.29
CA ALA D 235 18.19 17.74 21.90
C ALA D 235 19.50 17.67 21.13
N GLY D 236 20.59 18.03 21.79
CA GLY D 236 21.91 17.97 21.20
C GLY D 236 22.19 16.58 20.69
N TYR D 237 21.92 15.60 21.55
CA TYR D 237 22.06 14.18 21.19
C TYR D 237 21.05 13.72 20.15
N HIS D 238 19.82 14.21 20.28
CA HIS D 238 18.76 13.93 19.31
C HIS D 238 19.27 14.22 17.92
N GLN D 239 19.92 15.36 17.79
CA GLN D 239 20.47 15.82 16.52
C GLN D 239 21.39 14.82 15.85
N THR D 240 22.21 14.15 16.64
CA THR D 240 23.02 13.05 16.14
C THR D 240 22.19 11.84 15.74
N LEU D 241 21.26 11.44 16.61
CA LEU D 241 20.38 10.32 16.33
C LEU D 241 19.50 10.56 15.11
N LEU D 242 19.19 11.83 14.85
CA LEU D 242 18.48 12.21 13.62
C LEU D 242 19.24 11.86 12.35
N GLN D 243 20.56 12.02 12.37
CA GLN D 243 21.39 11.71 11.21
C GLN D 243 21.76 10.27 11.08
N ILE D 244 21.83 9.57 12.20
CA ILE D 244 22.42 8.22 12.18
C ILE D 244 21.75 7.33 11.14
N PRO D 245 20.42 7.35 11.01
CA PRO D 245 19.75 6.37 10.14
C PRO D 245 20.03 6.45 8.63
N GLN D 246 20.84 7.41 8.20
CA GLN D 246 21.36 7.37 6.84
C GLN D 246 22.11 6.09 6.62
N MET D 247 22.90 5.66 7.61
CA MET D 247 23.68 4.43 7.47
C MET D 247 22.82 3.28 7.03
N TYR D 248 21.62 3.15 7.56
CA TYR D 248 20.86 1.94 7.27
C TYR D 248 20.42 1.79 5.82
N GLN D 249 20.47 2.87 5.03
CA GLN D 249 20.24 2.76 3.58
C GLN D 249 21.33 2.09 2.75
N LEU D 250 22.47 1.74 3.34
CA LEU D 250 23.59 1.13 2.56
C LEU D 250 23.38 -0.31 2.12
N ASP D 251 22.46 -1.00 2.79
CA ASP D 251 22.10 -2.35 2.36
C ASP D 251 20.77 -2.75 3.02
N THR D 252 20.21 -3.84 2.54
CA THR D 252 18.97 -4.39 3.10
C THR D 252 19.00 -5.90 2.96
N PRO D 253 19.03 -6.62 4.09
CA PRO D 253 19.11 -6.15 5.48
C PRO D 253 20.37 -5.37 5.78
N PHE D 254 20.28 -4.52 6.79
CA PHE D 254 21.44 -3.72 7.20
C PHE D 254 22.05 -4.15 8.52
N VAL D 255 21.95 -5.44 8.78
CA VAL D 255 22.56 -6.00 9.95
C VAL D 255 24.10 -6.03 9.74
N ASN D 256 24.55 -6.31 8.52
CA ASN D 256 25.96 -6.08 8.16
C ASN D 256 26.49 -4.68 8.57
N VAL D 257 25.71 -3.64 8.33
CA VAL D 257 26.16 -2.26 8.56
C VAL D 257 26.35 -1.99 10.05
N ILE D 258 25.41 -2.49 10.83
CA ILE D 258 25.43 -2.29 12.28
C ILE D 258 26.69 -2.94 12.81
N LYS D 259 26.93 -4.17 12.42
CA LYS D 259 28.11 -4.87 12.91
C LYS D 259 29.40 -4.20 12.45
N GLU D 260 29.42 -3.74 11.20
CA GLU D 260 30.58 -3.02 10.70
C GLU D 260 30.83 -1.71 11.48
N ALA D 261 29.74 -1.08 11.90
CA ALA D 261 29.81 0.14 12.69
C ALA D 261 30.41 -0.15 14.08
N ILE D 262 30.02 -1.29 14.64
CA ILE D 262 30.55 -1.72 15.95
C ILE D 262 32.06 -1.75 15.87
N VAL D 263 32.58 -2.24 14.75
CA VAL D 263 34.04 -2.38 14.55
C VAL D 263 34.67 -1.01 14.45
N LEU D 264 34.15 -0.22 13.52
CA LEU D 264 34.65 1.13 13.31
C LEU D 264 34.56 2.01 14.53
N CYS D 265 33.66 1.69 15.45
CA CYS D 265 33.50 2.51 16.62
C CYS D 265 34.36 2.02 17.77
N GLY D 266 35.19 1.00 17.51
CA GLY D 266 36.25 0.61 18.42
C GLY D 266 36.24 -0.82 18.97
N ARG D 267 35.23 -1.61 18.61
CA ARG D 267 35.11 -2.98 19.15
C ARG D 267 35.35 -4.03 18.04
N PRO D 268 36.57 -4.58 17.95
CA PRO D 268 36.84 -5.46 16.82
C PRO D 268 36.12 -6.79 16.99
N VAL D 269 35.14 -7.06 16.14
CA VAL D 269 34.38 -8.29 16.20
C VAL D 269 34.18 -8.77 14.79
N SER D 270 33.90 -10.06 14.66
CA SER D 270 33.58 -10.62 13.38
C SER D 270 32.20 -10.05 12.92
N THR D 271 32.20 -9.56 11.70
CA THR D 271 31.00 -8.97 11.12
C THR D 271 30.23 -9.97 10.26
N HIS D 272 30.57 -11.25 10.33
CA HIS D 272 29.85 -12.22 9.54
C HIS D 272 28.34 -12.11 9.87
N VAL D 273 27.52 -12.17 8.82
CA VAL D 273 26.07 -12.19 8.94
C VAL D 273 25.51 -13.45 8.28
N LEU D 274 24.31 -13.84 8.66
CA LEU D 274 23.68 -15.03 8.08
C LEU D 274 22.93 -14.73 6.81
N PRO D 275 22.95 -15.66 5.82
CA PRO D 275 22.16 -15.46 4.62
C PRO D 275 20.66 -15.45 4.94
N PRO D 276 19.85 -14.78 4.10
CA PRO D 276 20.20 -14.14 2.79
C PRO D 276 20.91 -12.78 2.81
N ALA D 277 21.34 -12.34 4.01
CA ALA D 277 22.22 -11.17 4.14
C ALA D 277 23.59 -11.50 3.61
N SER D 278 24.40 -10.48 3.38
CA SER D 278 25.75 -10.67 2.82
C SER D 278 26.73 -9.65 3.39
N PRO D 279 28.04 -9.88 3.21
CA PRO D 279 28.98 -8.87 3.72
C PRO D 279 28.74 -7.53 3.04
N LEU D 280 29.04 -6.46 3.76
CA LEU D 280 29.03 -5.15 3.15
C LEU D 280 30.29 -4.97 2.25
N ASP D 281 30.11 -4.60 1.00
CA ASP D 281 31.28 -4.34 0.15
C ASP D 281 32.21 -3.22 0.70
N GLU D 282 33.41 -3.13 0.12
CA GLU D 282 34.42 -2.19 0.61
C GLU D 282 34.03 -0.72 0.45
N PRO D 283 33.64 -0.33 -0.77
CA PRO D 283 33.15 1.04 -0.97
C PRO D 283 32.16 1.51 0.11
N ARG D 284 31.15 0.70 0.40
CA ARG D 284 30.12 1.12 1.34
C ARG D 284 30.59 1.07 2.79
N LYS D 285 31.60 0.25 3.07
CA LYS D 285 32.20 0.27 4.40
C LYS D 285 32.89 1.61 4.66
N ALA D 286 33.59 2.11 3.65
CA ALA D 286 34.25 3.38 3.76
C ALA D 286 33.24 4.52 3.87
N GLN D 287 32.10 4.37 3.21
CA GLN D 287 31.03 5.39 3.29
C GLN D 287 30.48 5.50 4.70
N LEU D 288 30.30 4.31 5.31
CA LEU D 288 29.88 4.20 6.70
C LEU D 288 30.87 4.92 7.58
N LYS D 289 32.14 4.66 7.32
CA LYS D 289 33.20 5.28 8.07
C LYS D 289 33.10 6.80 8.00
N THR D 290 32.92 7.34 6.80
CA THR D 290 32.89 8.82 6.64
C THR D 290 31.69 9.37 7.38
N LEU D 291 30.60 8.62 7.39
CA LEU D 291 29.38 9.01 8.13
C LEU D 291 29.58 9.03 9.64
N LEU D 292 30.14 7.96 10.16
CA LEU D 292 30.48 7.91 11.56
C LEU D 292 31.42 9.05 11.96
N GLN D 293 32.38 9.36 11.08
CA GLN D 293 33.34 10.45 11.34
C GLN D 293 32.70 11.82 11.38
N GLN D 294 31.90 12.13 10.37
CA GLN D 294 31.10 13.37 10.34
C GLN D 294 30.31 13.58 11.63
N LEU D 295 29.73 12.51 12.15
CA LEU D 295 28.89 12.60 13.36
C LEU D 295 29.70 12.54 14.64
N LYS D 296 31.00 12.35 14.52
CA LYS D 296 31.92 12.28 15.68
C LYS D 296 31.63 11.07 16.57
N LEU D 297 31.50 9.91 15.95
CA LEU D 297 31.29 8.65 16.70
C LEU D 297 32.46 7.68 16.56
N CYS D 298 33.55 8.11 15.95
CA CYS D 298 34.76 7.27 15.87
C CYS D 298 36.01 8.08 15.61
C URE E . -9.50 3.33 -18.04
O URE E . -8.69 2.68 -18.68
N1 URE E . -10.03 4.42 -18.59
N2 URE E . -9.90 2.98 -16.80
C URE F . -5.75 -4.97 -16.85
O URE F . -6.14 -5.34 -15.76
N1 URE F . -6.61 -4.83 -17.84
N2 URE F . -4.49 -4.71 -17.11
C URE G . -18.99 25.99 -8.91
O URE G . -18.05 25.92 -8.13
N1 URE G . -19.11 25.17 -9.95
N2 URE G . -19.92 26.92 -8.78
C PYR H . -13.41 5.50 -18.06
O PYR H . -13.88 6.34 -17.22
OXT PYR H . -12.62 5.82 -19.01
CA PYR H . -13.82 4.09 -17.88
CB PYR H . -12.87 2.97 -18.22
C1 EDO I . -10.45 -7.31 -2.09
O1 EDO I . -9.76 -6.73 -3.22
C2 EDO I . -11.67 -8.10 -2.59
O2 EDO I . -12.65 -8.32 -1.55
C1 EDO J . -35.00 14.19 -0.24
O1 EDO J . -34.46 14.47 1.05
C2 EDO J . -36.00 13.04 -0.11
O2 EDO J . -35.68 11.96 -1.02
C1 EDO K . -15.76 11.29 -14.82
O1 EDO K . -15.22 12.24 -13.91
C2 EDO K . -16.46 10.15 -14.06
O2 EDO K . -16.98 10.60 -12.80
C1 EDO L . -32.11 15.71 -26.83
O1 EDO L . -31.21 15.96 -27.92
C2 EDO L . -32.08 16.92 -25.91
O2 EDO L . -33.03 16.73 -24.86
C URE M . -2.92 19.64 6.92
O URE M . -3.17 20.74 7.39
N1 URE M . -1.82 19.01 7.31
N2 URE M . -3.67 19.05 6.00
C URE N . -5.75 43.57 -9.18
O URE N . -6.01 44.61 -9.76
N1 URE N . -5.17 43.55 -7.97
N2 URE N . -6.05 42.41 -9.75
C URE O . -16.02 33.27 -4.44
O URE O . -16.10 34.07 -3.54
N1 URE O . -16.04 31.97 -4.18
N2 URE O . -15.94 33.69 -5.69
C URE P . -19.99 15.04 10.96
O URE P . -18.96 15.63 11.27
N1 URE P . -20.44 14.03 11.67
N2 URE P . -20.73 15.38 9.92
C PYR Q . -1.88 22.81 2.83
O PYR Q . -3.04 23.08 3.25
OXT PYR Q . -1.55 23.02 1.62
CA PYR Q . -0.82 22.26 3.71
CB PYR Q . -1.10 22.06 5.17
C1 EDO R . -1.87 22.88 -5.22
O1 EDO R . -0.57 23.25 -5.61
C2 EDO R . -2.43 24.01 -4.37
O2 EDO R . -3.29 23.37 -3.42
C1 EDO S . -22.81 25.39 0.59
O1 EDO S . -21.42 25.77 0.44
C2 EDO S . -23.37 25.11 -0.80
O2 EDO S . -23.61 23.71 -0.98
C1 EDO T . 20.16 26.55 4.97
O1 EDO T . 19.47 27.38 4.01
C2 EDO T . 19.53 26.57 6.38
O2 EDO T . 20.13 25.60 7.28
C URE U . -16.43 -32.32 11.03
O URE U . -17.50 -32.88 11.18
N1 URE U . -15.39 -32.79 10.34
N2 URE U . -16.25 -31.16 11.59
C PYR V . -0.07 -22.91 -1.65
O PYR V . -0.99 -23.37 -0.91
OXT PYR V . 1.17 -23.07 -1.42
CA PYR V . -0.44 -22.14 -2.84
CB PYR V . -1.75 -22.45 -3.49
C URE W . 15.20 -2.09 13.09
O URE W . 15.67 -2.53 12.05
N1 URE W . 15.81 -1.08 13.73
N2 URE W . 14.07 -2.65 13.56
C URE X . 26.57 -6.16 -1.30
O URE X . 26.54 -5.14 -0.60
N1 URE X . 26.51 -7.37 -0.76
N2 URE X . 26.67 -6.12 -2.64
C PYR Y . 15.39 -5.14 16.56
O PYR Y . 14.88 -6.20 17.03
OXT PYR Y . 16.47 -5.15 15.89
CA PYR Y . 14.68 -3.87 16.81
CB PYR Y . 15.33 -2.55 16.54
C1 EDO Z . -10.79 0.75 30.00
O1 EDO Z . -11.97 0.66 29.23
C2 EDO Z . -10.44 -0.66 30.50
O2 EDO Z . -9.05 -0.83 30.81
C1 EDO AA . 6.26 0.01 39.48
O1 EDO AA . 6.18 0.60 38.17
C2 EDO AA . 4.94 -0.66 39.88
O2 EDO AA . 3.84 0.27 40.00
C1 EDO BA . 21.82 3.67 34.40
O1 EDO BA . 23.11 4.02 34.90
C2 EDO BA . 21.33 2.42 35.15
O2 EDO BA . 21.35 1.25 34.32
#